data_1LNS
#
_entry.id   1LNS
#
_cell.length_a   92.500
_cell.length_b   102.500
_cell.length_c   101.500
_cell.angle_alpha   90.00
_cell.angle_beta   90.00
_cell.angle_gamma   90.00
#
_symmetry.space_group_name_H-M   'P 21 21 2'
#
loop_
_entity.id
_entity.type
_entity.pdbx_description
1 polymer 'X-PROLYL DIPEPTIDYL AMINOPEPTIDASE'
2 water water
#
_entity_poly.entity_id   1
_entity_poly.type   'polypeptide(L)'
_entity_poly.pdbx_seq_one_letter_code
;MRFNHFSIVDKNFDEQLAELDQLGFRWSVFWDEKKILKDFLIQSPSDMTALQATAELDVIEFLKSSIELDWEIFWNIALQ
LLDFVPNFDFEIGKAFEYAKNSNLPQIEAEMTTENIISAFYYLLCTRRKTGMILVEHWVSEGLLPLDNHYHFFNDKSLAT
FDSSLLEREVLWVESPVDSEQRGENDLIKIQIIRPKSTEKLPVVMTASPYHLGINDKANDLALHDMNVELEEKTSHEIHV
EQKLPQKLSAKAKELPIVDKAPYRFTHGWTYSLNDYFLTRGFASIYVAGVGTRSSDGFQTSGDYQQIYSMTAVIDWLNGR
ARAYTSRKKTHEIKASWANGKVAMTGKSYLGTMAYGAATTGVEGLELILAEAGISSWYNYYRENGLVRSPGGFPGEDLDV
LAALTYSRNLDGADFLKGNAEYEKRLAEMTAALDRKSGDYNQFWHDRNYLINTDKVKADVLIVHGLQDWNVTPEQAYNFW
KALPEGHAKHAFLHRGAHIYMNSWQSIDFSETINAYFVAKLLDRDLNLNLPPVILQENSKDQVWTMMNDFGANTQIKLPL
GKTAVSFAQFDNNYDDETFKKYSKDFNVFKKDLFENKANEAVIDLELPSMLTINGPVELELRLKLNDTKGFLSAQILDFG
QKKRLEDKVRVKDFKVLDRGRNFMLDDLVELPLVESPYQLVTKGFTNLQNQSLLTVSDLKADEWFTIKFELQPTIYHLEK
ADKLRVILYSTDFEHTVRDNRKVTYEIDLSQSKLIIPIESVKN
;
_entity_poly.pdbx_strand_id   A
#
# COMPACT_ATOMS: atom_id res chain seq x y z
N MET A 1 -21.01 14.43 3.34
CA MET A 1 -19.78 13.62 3.52
C MET A 1 -20.13 12.29 4.16
N ARG A 2 -19.22 11.32 4.07
CA ARG A 2 -19.48 10.02 4.64
C ARG A 2 -18.24 9.48 5.35
N PHE A 3 -18.44 8.95 6.54
CA PHE A 3 -17.35 8.39 7.32
C PHE A 3 -17.45 6.88 7.41
N ASN A 4 -16.33 6.24 7.69
CA ASN A 4 -16.26 4.79 7.82
C ASN A 4 -15.26 4.47 8.92
N HIS A 5 -15.69 3.72 9.92
CA HIS A 5 -14.80 3.38 11.03
C HIS A 5 -14.56 1.89 11.16
N PHE A 6 -13.29 1.52 11.31
CA PHE A 6 -12.91 0.13 11.49
C PHE A 6 -12.04 0.00 12.74
N SER A 7 -11.72 1.13 13.35
CA SER A 7 -10.86 1.16 14.54
C SER A 7 -11.58 1.10 15.88
N ILE A 8 -12.90 1.24 15.89
CA ILE A 8 -13.63 1.24 17.15
C ILE A 8 -13.76 -0.13 17.79
N VAL A 9 -13.13 -0.29 18.95
CA VAL A 9 -13.16 -1.54 19.70
C VAL A 9 -14.29 -1.48 20.71
N ASP A 10 -15.10 -2.53 20.72
CA ASP A 10 -16.22 -2.60 21.65
C ASP A 10 -15.75 -2.88 23.06
N LYS A 11 -16.25 -2.10 24.01
CA LYS A 11 -15.87 -2.29 25.40
C LYS A 11 -17.07 -2.25 26.33
N ASN A 12 -16.98 -2.98 27.44
CA ASN A 12 -18.06 -3.03 28.41
C ASN A 12 -18.17 -1.68 29.09
N PHE A 13 -19.26 -1.51 29.82
CA PHE A 13 -19.49 -0.25 30.52
C PHE A 13 -18.41 0.03 31.55
N ASP A 14 -18.06 -0.98 32.34
CA ASP A 14 -17.04 -0.82 33.37
C ASP A 14 -15.72 -0.42 32.74
N GLU A 15 -15.42 -1.01 31.59
CA GLU A 15 -14.19 -0.68 30.89
C GLU A 15 -14.25 0.76 30.42
N GLN A 16 -15.40 1.16 29.89
CA GLN A 16 -15.60 2.52 29.40
C GLN A 16 -15.39 3.56 30.50
N LEU A 17 -16.01 3.31 31.67
CA LEU A 17 -15.89 4.22 32.80
C LEU A 17 -14.47 4.37 33.27
N ALA A 18 -13.74 3.26 33.25
CA ALA A 18 -12.35 3.25 33.69
C ALA A 18 -11.47 4.05 32.75
N GLU A 19 -11.69 3.89 31.45
CA GLU A 19 -10.89 4.63 30.47
C GLU A 19 -11.20 6.12 30.51
N LEU A 20 -12.47 6.45 30.71
CA LEU A 20 -12.89 7.85 30.78
C LEU A 20 -12.25 8.46 32.02
N ASP A 21 -12.27 7.71 33.11
CA ASP A 21 -11.70 8.19 34.35
C ASP A 21 -10.23 8.57 34.14
N GLN A 22 -9.51 7.75 33.39
CA GLN A 22 -8.11 8.01 33.11
C GLN A 22 -7.91 9.30 32.32
N LEU A 23 -8.91 9.71 31.56
CA LEU A 23 -8.81 10.94 30.77
C LEU A 23 -9.25 12.15 31.59
N GLY A 24 -9.72 11.93 32.81
CA GLY A 24 -10.14 13.02 33.65
C GLY A 24 -11.64 13.16 33.75
N PHE A 25 -12.36 12.24 33.12
CA PHE A 25 -13.82 12.28 33.17
C PHE A 25 -14.26 11.26 34.23
N ARG A 26 -14.26 11.70 35.49
CA ARG A 26 -14.63 10.87 36.61
C ARG A 26 -16.13 10.95 36.86
N TRP A 27 -16.87 10.06 36.20
CA TRP A 27 -18.32 10.05 36.32
C TRP A 27 -18.84 8.83 37.06
N SER A 28 -20.13 8.86 37.39
CA SER A 28 -20.77 7.75 38.07
C SER A 28 -22.09 7.54 37.37
N VAL A 29 -22.62 6.32 37.49
CA VAL A 29 -23.87 5.95 36.83
C VAL A 29 -25.12 6.70 37.33
N PHE A 30 -25.04 7.32 38.50
CA PHE A 30 -26.20 8.03 39.03
C PHE A 30 -26.13 9.55 38.90
N TRP A 31 -25.29 10.03 37.98
CA TRP A 31 -25.16 11.45 37.71
C TRP A 31 -26.28 11.84 36.75
N ASP A 32 -26.65 13.11 36.71
CA ASP A 32 -27.68 13.56 35.79
C ASP A 32 -27.01 13.71 34.43
N GLU A 33 -27.76 13.51 33.34
CA GLU A 33 -27.15 13.63 32.03
C GLU A 33 -26.65 15.03 31.70
N LYS A 34 -27.37 16.07 32.11
CA LYS A 34 -26.90 17.42 31.78
C LYS A 34 -25.62 17.72 32.57
N LYS A 35 -25.49 17.12 33.75
CA LYS A 35 -24.29 17.31 34.57
C LYS A 35 -23.11 16.63 33.89
N ILE A 36 -23.37 15.46 33.32
CA ILE A 36 -22.32 14.72 32.62
C ILE A 36 -21.88 15.53 31.40
N LEU A 37 -22.84 16.06 30.66
CA LEU A 37 -22.55 16.89 29.48
C LEU A 37 -21.70 18.09 29.89
N LYS A 38 -22.12 18.76 30.95
CA LYS A 38 -21.41 19.94 31.45
C LYS A 38 -19.98 19.60 31.81
N ASP A 39 -19.79 18.51 32.55
CA ASP A 39 -18.45 18.10 32.95
C ASP A 39 -17.59 17.74 31.74
N PHE A 40 -18.21 17.07 30.78
CA PHE A 40 -17.52 16.65 29.56
C PHE A 40 -16.95 17.86 28.83
N LEU A 41 -17.74 18.92 28.73
CA LEU A 41 -17.29 20.13 28.05
C LEU A 41 -16.28 20.95 28.84
N ILE A 42 -16.51 21.07 30.14
CA ILE A 42 -15.62 21.83 31.01
C ILE A 42 -14.24 21.21 31.17
N GLN A 43 -14.18 19.88 31.22
CA GLN A 43 -12.92 19.17 31.38
C GLN A 43 -12.12 19.05 30.09
N SER A 44 -12.74 19.41 28.97
CA SER A 44 -12.11 19.32 27.66
C SER A 44 -11.50 20.65 27.24
N PRO A 45 -10.72 20.66 26.14
CA PRO A 45 -10.07 21.86 25.62
C PRO A 45 -10.98 22.69 24.71
N SER A 46 -12.24 22.29 24.59
CA SER A 46 -13.17 23.01 23.72
C SER A 46 -13.72 24.28 24.38
N ASP A 47 -14.25 25.19 23.56
CA ASP A 47 -14.80 26.44 24.06
C ASP A 47 -16.32 26.36 24.14
N MET A 48 -16.80 26.13 25.35
CA MET A 48 -18.22 26.01 25.64
C MET A 48 -19.06 27.23 25.24
N THR A 49 -18.50 28.42 25.41
CA THR A 49 -19.21 29.65 25.09
C THR A 49 -19.54 29.87 23.61
N ALA A 50 -18.91 29.11 22.73
CA ALA A 50 -19.18 29.26 21.30
C ALA A 50 -20.20 28.24 20.77
N LEU A 51 -20.53 27.25 21.61
CA LEU A 51 -21.44 26.18 21.21
C LEU A 51 -22.93 26.47 21.31
N GLN A 52 -23.68 26.04 20.30
CA GLN A 52 -25.12 26.21 20.24
C GLN A 52 -25.81 24.90 20.65
N ALA A 53 -26.79 25.00 21.54
CA ALA A 53 -27.50 23.81 22.00
C ALA A 53 -28.81 23.59 21.26
N THR A 54 -29.58 24.65 21.02
CA THR A 54 -30.84 24.52 20.30
C THR A 54 -31.01 25.68 19.35
N ALA A 55 -32.13 25.71 18.64
CA ALA A 55 -32.41 26.77 17.68
C ALA A 55 -32.55 28.11 18.39
N GLU A 56 -32.73 28.08 19.70
CA GLU A 56 -32.90 29.31 20.48
C GLU A 56 -31.85 29.53 21.58
N LEU A 57 -31.14 28.49 21.99
CA LEU A 57 -30.18 28.66 23.08
C LEU A 57 -28.76 28.15 22.84
N ASP A 58 -27.78 28.83 23.43
CA ASP A 58 -26.40 28.35 23.32
C ASP A 58 -26.28 27.33 24.47
N VAL A 59 -25.12 26.69 24.61
CA VAL A 59 -24.95 25.69 25.65
C VAL A 59 -25.11 26.20 27.06
N ILE A 60 -24.50 27.35 27.36
CA ILE A 60 -24.59 27.93 28.68
C ILE A 60 -26.04 28.17 29.08
N GLU A 61 -26.80 28.77 28.17
CA GLU A 61 -28.21 29.04 28.43
C GLU A 61 -28.97 27.71 28.58
N PHE A 62 -28.61 26.73 27.76
CA PHE A 62 -29.28 25.42 27.84
C PHE A 62 -29.04 24.79 29.21
N LEU A 63 -27.79 24.85 29.68
CA LEU A 63 -27.47 24.28 30.99
C LEU A 63 -28.22 24.98 32.10
N LYS A 64 -28.43 26.28 31.96
CA LYS A 64 -29.14 27.04 32.97
C LYS A 64 -30.65 26.84 32.84
N SER A 65 -31.11 26.43 31.66
CA SER A 65 -32.54 26.24 31.48
C SER A 65 -33.00 24.91 32.10
N SER A 66 -34.32 24.68 32.05
CA SER A 66 -34.89 23.47 32.61
C SER A 66 -35.14 22.42 31.54
N ILE A 67 -34.91 22.79 30.28
CA ILE A 67 -35.09 21.86 29.18
C ILE A 67 -34.18 20.66 29.40
N GLU A 68 -34.70 19.46 29.16
CA GLU A 68 -33.91 18.24 29.37
C GLU A 68 -33.14 17.86 28.11
N LEU A 69 -32.08 17.08 28.26
CA LEU A 69 -31.27 16.65 27.14
C LEU A 69 -31.94 15.51 26.37
N ASP A 70 -31.90 15.59 25.05
CA ASP A 70 -32.44 14.53 24.20
C ASP A 70 -31.36 14.25 23.16
N TRP A 71 -31.59 13.27 22.29
CA TRP A 71 -30.58 12.92 21.29
C TRP A 71 -30.31 13.98 20.23
N GLU A 72 -31.30 14.81 19.94
CA GLU A 72 -31.12 15.87 18.95
C GLU A 72 -30.16 16.93 19.48
N ILE A 73 -30.37 17.35 20.72
CA ILE A 73 -29.52 18.35 21.34
C ILE A 73 -28.12 17.76 21.49
N PHE A 74 -28.06 16.49 21.87
CA PHE A 74 -26.77 15.82 22.03
C PHE A 74 -25.98 15.91 20.73
N TRP A 75 -26.62 15.57 19.62
CA TRP A 75 -25.94 15.60 18.33
C TRP A 75 -25.66 17.00 17.82
N ASN A 76 -26.50 17.96 18.22
CA ASN A 76 -26.26 19.34 17.80
C ASN A 76 -24.88 19.71 18.33
N ILE A 77 -24.66 19.37 19.60
CA ILE A 77 -23.42 19.67 20.28
C ILE A 77 -22.28 18.77 19.80
N ALA A 78 -22.55 17.47 19.66
CA ALA A 78 -21.51 16.54 19.20
C ALA A 78 -20.96 16.90 17.82
N LEU A 79 -21.83 17.28 16.89
CA LEU A 79 -21.36 17.62 15.55
C LEU A 79 -20.44 18.85 15.60
N GLN A 80 -20.75 19.80 16.49
CA GLN A 80 -19.89 20.96 16.61
C GLN A 80 -18.50 20.54 17.13
N LEU A 81 -18.48 19.63 18.10
CA LEU A 81 -17.21 19.16 18.65
C LEU A 81 -16.43 18.41 17.57
N LEU A 82 -17.15 17.83 16.61
CA LEU A 82 -16.53 17.11 15.51
C LEU A 82 -16.13 18.00 14.34
N ASP A 83 -16.18 19.31 14.59
CA ASP A 83 -15.78 20.33 13.62
C ASP A 83 -16.79 20.66 12.50
N PHE A 84 -18.06 20.35 12.72
CA PHE A 84 -19.07 20.67 11.73
C PHE A 84 -19.64 22.02 12.13
N VAL A 85 -19.98 22.84 11.13
CA VAL A 85 -20.50 24.18 11.36
C VAL A 85 -22.01 24.18 11.42
N PRO A 86 -22.58 24.51 12.60
CA PRO A 86 -24.03 24.52 12.69
C PRO A 86 -24.64 25.63 11.84
N ASN A 87 -25.82 25.36 11.29
CA ASN A 87 -26.56 26.31 10.45
C ASN A 87 -26.02 26.36 9.03
N PHE A 88 -24.83 25.81 8.81
CA PHE A 88 -24.26 25.80 7.47
C PHE A 88 -23.97 24.39 6.98
N ASP A 89 -23.21 23.60 7.73
CA ASP A 89 -22.97 22.21 7.32
C ASP A 89 -24.21 21.40 7.62
N PHE A 90 -24.87 21.71 8.74
CA PHE A 90 -26.05 20.98 9.13
C PHE A 90 -27.08 21.87 9.78
N GLU A 91 -28.29 21.34 9.89
CA GLU A 91 -29.41 22.07 10.45
C GLU A 91 -29.63 21.73 11.92
N ILE A 92 -29.51 22.74 12.77
CA ILE A 92 -29.73 22.59 14.21
C ILE A 92 -31.13 22.01 14.37
N GLY A 93 -31.25 20.97 15.19
CA GLY A 93 -32.55 20.35 15.38
C GLY A 93 -32.71 19.11 14.51
N LYS A 94 -31.82 18.95 13.53
CA LYS A 94 -31.85 17.77 12.65
C LYS A 94 -30.47 17.13 12.67
N ALA A 95 -29.73 17.36 13.76
CA ALA A 95 -28.38 16.84 13.91
C ALA A 95 -28.32 15.31 13.95
N PHE A 96 -29.30 14.70 14.62
CA PHE A 96 -29.32 13.24 14.72
C PHE A 96 -29.35 12.63 13.32
N GLU A 97 -30.27 13.12 12.50
CA GLU A 97 -30.44 12.64 11.14
C GLU A 97 -29.18 12.88 10.31
N TYR A 98 -28.60 14.06 10.47
CA TYR A 98 -27.39 14.38 9.72
C TYR A 98 -26.27 13.38 10.09
N ALA A 99 -26.14 13.09 11.38
CA ALA A 99 -25.13 12.14 11.84
C ALA A 99 -25.36 10.76 11.22
N LYS A 100 -26.63 10.37 11.13
CA LYS A 100 -27.00 9.07 10.57
C LYS A 100 -26.63 9.01 9.09
N ASN A 101 -26.97 10.05 8.34
CA ASN A 101 -26.67 10.08 6.92
C ASN A 101 -25.17 10.12 6.64
N SER A 102 -24.38 10.60 7.59
CA SER A 102 -22.93 10.68 7.43
C SER A 102 -22.27 9.38 7.86
N ASN A 103 -23.08 8.41 8.27
CA ASN A 103 -22.60 7.11 8.74
C ASN A 103 -21.73 7.22 9.99
N LEU A 104 -22.05 8.16 10.88
CA LEU A 104 -21.28 8.30 12.10
C LEU A 104 -21.76 7.28 13.11
N PRO A 105 -20.86 6.74 13.95
CA PRO A 105 -21.26 5.76 14.96
C PRO A 105 -22.31 6.41 15.86
N GLN A 106 -23.43 5.74 16.06
CA GLN A 106 -24.49 6.28 16.89
C GLN A 106 -25.11 5.28 17.82
N ILE A 107 -25.44 5.73 19.02
CA ILE A 107 -26.10 4.89 20.01
C ILE A 107 -27.59 5.07 19.76
N GLU A 108 -28.31 3.97 19.57
CA GLU A 108 -29.74 4.02 19.34
C GLU A 108 -30.45 3.29 20.46
N ALA A 109 -30.79 4.04 21.50
CA ALA A 109 -31.47 3.50 22.67
C ALA A 109 -31.99 4.70 23.48
N GLU A 110 -32.79 4.42 24.50
CA GLU A 110 -33.34 5.48 25.34
C GLU A 110 -32.27 6.37 25.96
N MET A 111 -32.61 7.62 26.19
CA MET A 111 -31.70 8.56 26.83
C MET A 111 -31.63 8.26 28.32
N THR A 112 -30.50 7.73 28.76
CA THR A 112 -30.28 7.44 30.17
C THR A 112 -28.85 7.85 30.48
N THR A 113 -28.50 7.89 31.76
CA THR A 113 -27.17 8.27 32.17
C THR A 113 -26.14 7.28 31.61
N GLU A 114 -26.47 6.00 31.70
CA GLU A 114 -25.56 4.98 31.19
C GLU A 114 -25.38 5.10 29.68
N ASN A 115 -26.48 5.25 28.94
CA ASN A 115 -26.39 5.38 27.49
C ASN A 115 -25.70 6.66 27.05
N ILE A 116 -25.84 7.71 27.86
CA ILE A 116 -25.20 8.98 27.54
C ILE A 116 -23.69 8.82 27.75
N ILE A 117 -23.31 8.12 28.80
CA ILE A 117 -21.89 7.89 29.07
C ILE A 117 -21.27 7.13 27.89
N SER A 118 -21.96 6.13 27.36
CA SER A 118 -21.44 5.38 26.23
C SER A 118 -21.37 6.24 24.99
N ALA A 119 -22.37 7.09 24.78
CA ALA A 119 -22.36 7.96 23.60
C ALA A 119 -21.13 8.87 23.64
N PHE A 120 -20.77 9.35 24.82
CA PHE A 120 -19.59 10.20 24.93
C PHE A 120 -18.32 9.38 24.72
N TYR A 121 -18.30 8.16 25.26
CA TYR A 121 -17.15 7.29 25.11
C TYR A 121 -16.87 7.05 23.64
N TYR A 122 -17.90 6.66 22.89
CA TYR A 122 -17.72 6.40 21.48
C TYR A 122 -17.58 7.67 20.66
N LEU A 123 -18.07 8.78 21.18
CA LEU A 123 -17.91 10.05 20.48
C LEU A 123 -16.40 10.31 20.43
N LEU A 124 -15.73 10.03 21.54
CA LEU A 124 -14.28 10.23 21.61
C LEU A 124 -13.52 9.35 20.60
N CYS A 125 -14.14 8.23 20.19
CA CYS A 125 -13.52 7.31 19.23
C CYS A 125 -13.86 7.70 17.80
N THR A 126 -14.75 8.67 17.66
CA THR A 126 -15.23 9.11 16.36
C THR A 126 -14.40 10.17 15.64
N ARG A 127 -14.26 9.98 14.32
CA ARG A 127 -13.51 10.90 13.48
C ARG A 127 -14.20 12.25 13.37
N ARG A 128 -13.41 13.32 13.39
CA ARG A 128 -13.94 14.66 13.22
C ARG A 128 -13.94 14.90 11.72
N LYS A 129 -14.54 15.97 11.31
CA LYS A 129 -14.61 16.27 9.88
C LYS A 129 -13.21 16.59 9.33
N THR A 130 -12.31 17.00 10.23
CA THR A 130 -10.96 17.44 9.83
C THR A 130 -9.89 16.31 9.83
N GLY A 131 -10.30 15.06 10.04
CA GLY A 131 -9.35 13.92 9.86
C GLY A 131 -8.89 13.19 11.15
N MET A 132 -9.06 13.77 12.31
CA MET A 132 -8.60 13.12 13.56
C MET A 132 -9.78 12.75 14.46
N ILE A 133 -9.66 11.60 15.12
CA ILE A 133 -10.69 11.17 16.08
C ILE A 133 -10.67 12.18 17.23
N LEU A 134 -11.84 12.47 17.80
CA LEU A 134 -11.95 13.45 18.87
C LEU A 134 -10.92 13.34 19.98
N VAL A 135 -10.78 12.15 20.58
CA VAL A 135 -9.83 11.98 21.68
C VAL A 135 -8.41 12.41 21.31
N GLU A 136 -7.94 12.05 20.11
CA GLU A 136 -6.58 12.42 19.72
C GLU A 136 -6.50 13.90 19.43
N HIS A 137 -7.57 14.45 18.89
CA HIS A 137 -7.58 15.88 18.62
C HIS A 137 -7.40 16.62 19.96
N TRP A 138 -8.18 16.23 20.97
CA TRP A 138 -8.10 16.85 22.29
C TRP A 138 -6.77 16.61 22.99
N VAL A 139 -6.16 15.45 22.74
CA VAL A 139 -4.87 15.15 23.35
C VAL A 139 -3.84 16.11 22.77
N SER A 140 -3.94 16.34 21.46
CA SER A 140 -2.99 17.25 20.83
C SER A 140 -3.21 18.68 21.33
N GLU A 141 -4.37 18.95 21.93
CA GLU A 141 -4.66 20.28 22.44
C GLU A 141 -4.42 20.39 23.94
N GLY A 142 -3.86 19.35 24.55
CA GLY A 142 -3.55 19.39 25.96
C GLY A 142 -4.38 18.56 26.92
N LEU A 143 -5.32 17.75 26.42
CA LEU A 143 -6.16 16.92 27.30
C LEU A 143 -5.30 16.12 28.28
N LEU A 144 -4.17 15.60 27.78
CA LEU A 144 -3.25 14.85 28.64
C LEU A 144 -1.89 15.50 28.51
N PRO A 145 -1.05 15.37 29.54
CA PRO A 145 0.28 15.97 29.50
C PRO A 145 1.28 15.11 28.73
N LEU A 146 2.42 15.70 28.38
CA LEU A 146 3.46 14.96 27.69
C LEU A 146 4.37 14.38 28.77
N ASP A 147 4.01 13.19 29.26
CA ASP A 147 4.79 12.56 30.32
C ASP A 147 5.71 11.42 29.86
N ASN A 148 5.71 11.14 28.56
CA ASN A 148 6.55 10.08 28.02
C ASN A 148 6.23 8.73 28.63
N HIS A 149 4.96 8.50 28.87
CA HIS A 149 4.47 7.23 29.42
C HIS A 149 3.33 6.80 28.50
N TYR A 150 3.06 5.52 28.48
CA TYR A 150 1.99 5.02 27.64
C TYR A 150 0.63 5.31 28.25
N HIS A 151 -0.30 5.77 27.41
CA HIS A 151 -1.67 6.04 27.83
C HIS A 151 -2.52 5.43 26.73
N PHE A 152 -3.40 4.52 27.11
CA PHE A 152 -4.25 3.88 26.14
C PHE A 152 -5.71 4.23 26.29
N PHE A 153 -6.38 4.34 25.15
CA PHE A 153 -7.80 4.63 25.11
C PHE A 153 -8.37 3.82 23.96
N ASN A 154 -9.36 3.00 24.27
CA ASN A 154 -10.01 2.15 23.28
C ASN A 154 -8.93 1.39 22.53
N ASP A 155 -7.99 0.82 23.29
CA ASP A 155 -6.90 0.02 22.75
C ASP A 155 -5.92 0.72 21.82
N LYS A 156 -5.93 2.05 21.82
CA LYS A 156 -5.02 2.86 21.01
C LYS A 156 -4.03 3.61 21.89
N SER A 157 -2.81 3.77 21.41
CA SER A 157 -1.80 4.51 22.16
C SER A 157 -1.98 5.99 21.85
N LEU A 158 -2.01 6.82 22.88
CA LEU A 158 -2.17 8.26 22.67
C LEU A 158 -0.83 8.96 22.54
N ALA A 159 -0.86 10.17 21.96
CA ALA A 159 0.37 10.94 21.72
C ALA A 159 0.83 11.66 22.97
N THR A 160 1.39 10.89 23.90
CA THR A 160 1.89 11.41 25.17
C THR A 160 3.41 11.45 25.26
N PHE A 161 4.10 11.14 24.16
CA PHE A 161 5.56 11.20 24.15
C PHE A 161 5.98 12.52 23.49
N ASP A 162 6.87 13.24 24.18
CA ASP A 162 7.35 14.55 23.72
C ASP A 162 8.26 14.47 22.51
N SER A 163 7.82 14.98 21.37
CA SER A 163 8.65 14.94 20.17
C SER A 163 9.91 15.81 20.28
N SER A 164 9.96 16.71 21.24
CA SER A 164 11.13 17.56 21.37
C SER A 164 12.30 16.81 22.00
N LEU A 165 12.02 15.65 22.58
CA LEU A 165 13.05 14.84 23.23
C LEU A 165 13.49 13.64 22.40
N LEU A 166 13.14 13.63 21.12
CA LEU A 166 13.53 12.52 20.25
C LEU A 166 15.03 12.46 20.05
N GLU A 167 15.58 11.25 20.10
CA GLU A 167 17.00 11.07 19.88
C GLU A 167 17.13 10.60 18.45
N ARG A 168 18.11 11.16 17.74
CA ARG A 168 18.37 10.80 16.36
C ARG A 168 19.80 10.30 16.31
N GLU A 169 19.96 8.99 16.17
CA GLU A 169 21.28 8.38 16.15
C GLU A 169 21.54 7.60 14.87
N VAL A 170 22.83 7.42 14.57
CA VAL A 170 23.27 6.68 13.41
C VAL A 170 24.26 5.63 13.87
N LEU A 171 24.21 4.45 13.27
CA LEU A 171 25.14 3.37 13.60
C LEU A 171 25.14 2.35 12.47
N TRP A 172 26.13 1.48 12.46
CA TRP A 172 26.24 0.46 11.41
C TRP A 172 26.04 -0.96 11.95
N VAL A 173 25.07 -1.66 11.36
CA VAL A 173 24.83 -3.04 11.77
C VAL A 173 25.65 -3.95 10.87
N GLU A 174 26.23 -4.97 11.48
CA GLU A 174 27.03 -5.94 10.75
C GLU A 174 26.08 -6.97 10.18
N SER A 175 25.93 -6.98 8.85
CA SER A 175 25.04 -7.91 8.18
C SER A 175 25.77 -9.21 7.86
N PRO A 176 25.02 -10.28 7.56
CA PRO A 176 25.68 -11.55 7.25
C PRO A 176 25.83 -11.75 5.73
N VAL A 177 25.97 -10.66 4.99
CA VAL A 177 26.11 -10.74 3.54
C VAL A 177 27.42 -10.13 3.08
N ASP A 178 27.88 -10.58 1.91
CA ASP A 178 29.10 -10.09 1.30
C ASP A 178 28.77 -9.92 -0.17
N SER A 179 27.90 -8.95 -0.46
CA SER A 179 27.46 -8.69 -1.82
C SER A 179 28.54 -8.50 -2.88
N GLU A 180 29.73 -8.07 -2.48
CA GLU A 180 30.80 -7.90 -3.46
C GLU A 180 31.96 -8.86 -3.26
N GLN A 181 31.72 -9.89 -2.45
CA GLN A 181 32.73 -10.91 -2.15
C GLN A 181 34.10 -10.34 -1.86
N ARG A 182 34.21 -9.58 -0.78
CA ARG A 182 35.47 -8.98 -0.38
C ARG A 182 36.08 -9.81 0.73
N GLY A 183 35.31 -10.76 1.25
CA GLY A 183 35.78 -11.59 2.34
C GLY A 183 35.48 -10.97 3.69
N GLU A 184 34.54 -10.03 3.70
CA GLU A 184 34.13 -9.32 4.92
C GLU A 184 32.64 -9.06 4.89
N ASN A 185 32.05 -8.89 6.07
CA ASN A 185 30.61 -8.62 6.17
C ASN A 185 30.28 -7.17 5.79
N ASP A 186 29.19 -6.98 5.06
CA ASP A 186 28.76 -5.64 4.66
C ASP A 186 28.16 -4.92 5.85
N LEU A 187 28.65 -3.72 6.13
CA LEU A 187 28.12 -2.92 7.22
C LEU A 187 26.96 -2.10 6.64
N ILE A 188 25.85 -2.06 7.38
CA ILE A 188 24.66 -1.37 6.92
C ILE A 188 24.32 -0.23 7.86
N LYS A 189 24.32 0.99 7.32
CA LYS A 189 24.00 2.16 8.12
C LYS A 189 22.50 2.22 8.39
N ILE A 190 22.17 2.63 9.60
CA ILE A 190 20.76 2.80 10.02
C ILE A 190 20.61 4.09 10.80
N GLN A 191 19.46 4.68 10.62
CA GLN A 191 19.09 5.91 11.31
C GLN A 191 18.00 5.59 12.32
N ILE A 192 18.21 6.02 13.53
CA ILE A 192 17.27 5.76 14.62
C ILE A 192 16.66 7.05 15.16
N ILE A 193 15.36 7.02 15.32
CA ILE A 193 14.60 8.11 15.92
C ILE A 193 13.75 7.47 17.00
N ARG A 194 14.05 7.79 18.26
CA ARG A 194 13.30 7.21 19.36
C ARG A 194 12.94 8.23 20.44
N PRO A 195 11.74 8.10 21.00
CA PRO A 195 11.33 9.04 22.04
C PRO A 195 11.97 8.63 23.36
N LYS A 196 11.90 9.51 24.34
CA LYS A 196 12.46 9.23 25.66
C LYS A 196 11.48 8.27 26.34
N SER A 197 12.01 7.25 27.00
CA SER A 197 11.16 6.27 27.66
C SER A 197 11.93 5.50 28.72
N THR A 198 11.24 5.12 29.79
CA THR A 198 11.86 4.38 30.87
C THR A 198 11.69 2.87 30.66
N GLU A 199 11.22 2.48 29.49
CA GLU A 199 11.02 1.07 29.18
C GLU A 199 11.40 0.75 27.73
N LYS A 200 11.72 -0.52 27.47
CA LYS A 200 12.12 -0.99 26.14
C LYS A 200 11.06 -0.56 25.13
N LEU A 201 11.50 -0.09 23.96
CA LEU A 201 10.58 0.36 22.94
C LEU A 201 10.45 -0.51 21.72
N PRO A 202 9.20 -0.76 21.26
CA PRO A 202 8.99 -1.47 20.03
C PRO A 202 9.60 -0.64 18.93
N VAL A 203 9.66 -1.20 17.73
CA VAL A 203 10.26 -0.50 16.58
C VAL A 203 9.38 -0.66 15.33
N VAL A 204 9.30 0.45 14.61
CA VAL A 204 8.62 0.54 13.31
C VAL A 204 9.69 0.82 12.27
N MET A 205 10.07 -0.22 11.57
CA MET A 205 11.16 -0.14 10.59
C MET A 205 10.66 0.00 9.15
N THR A 206 11.38 0.85 8.45
CA THR A 206 11.15 1.14 7.03
C THR A 206 12.46 0.95 6.26
N ALA A 207 12.46 -0.07 5.44
CA ALA A 207 13.62 -0.40 4.58
C ALA A 207 13.42 0.28 3.23
N SER A 208 14.13 1.38 3.04
CA SER A 208 14.04 2.18 1.84
C SER A 208 15.38 2.43 1.17
N PRO A 209 15.58 1.84 -0.03
CA PRO A 209 16.84 2.04 -0.76
C PRO A 209 16.95 3.47 -1.29
N TYR A 210 15.82 4.19 -1.28
CA TYR A 210 15.74 5.57 -1.75
C TYR A 210 16.16 6.60 -0.67
N HIS A 211 15.91 6.19 0.55
CA HIS A 211 16.10 7.00 1.78
C HIS A 211 17.29 8.01 1.77
N LEU A 212 18.48 7.56 1.40
CA LEU A 212 19.68 8.44 1.49
C LEU A 212 20.00 9.17 0.20
N GLY A 213 19.04 9.17 -0.73
CA GLY A 213 19.28 9.86 -1.99
C GLY A 213 19.11 8.94 -3.17
N ILE A 214 18.86 9.56 -4.32
CA ILE A 214 18.62 8.86 -5.56
C ILE A 214 19.52 9.43 -6.65
N ASN A 215 19.85 8.61 -7.65
CA ASN A 215 20.70 9.07 -8.75
C ASN A 215 19.90 9.11 -10.05
N ASP A 216 19.18 10.22 -10.26
CA ASP A 216 18.36 10.40 -11.44
C ASP A 216 19.12 10.35 -12.76
N LYS A 217 20.30 10.96 -12.82
CA LYS A 217 21.07 10.95 -14.06
C LYS A 217 21.37 9.53 -14.51
N ALA A 218 21.91 8.72 -13.60
CA ALA A 218 22.25 7.33 -13.93
C ALA A 218 20.99 6.58 -14.34
N ASN A 219 19.85 6.94 -13.74
CA ASN A 219 18.59 6.29 -14.06
C ASN A 219 18.26 6.53 -15.53
N ASP A 220 18.19 7.80 -15.93
CA ASP A 220 17.87 8.13 -17.32
C ASP A 220 18.81 7.52 -18.35
N LEU A 221 20.10 7.41 -18.01
CA LEU A 221 21.08 6.85 -18.93
C LEU A 221 20.96 5.33 -19.11
N ALA A 222 20.45 4.65 -18.09
CA ALA A 222 20.29 3.20 -18.17
C ALA A 222 18.98 2.80 -18.86
N LEU A 223 18.07 3.76 -18.98
CA LEU A 223 16.76 3.53 -19.60
C LEU A 223 16.89 2.76 -20.92
N HIS A 224 16.08 1.72 -21.09
CA HIS A 224 16.13 0.92 -22.31
C HIS A 224 15.26 1.46 -23.44
N ASP A 225 15.71 1.27 -24.68
CA ASP A 225 14.98 1.72 -25.86
C ASP A 225 13.90 0.69 -26.17
N MET A 226 12.64 1.12 -26.19
CA MET A 226 11.53 0.22 -26.46
C MET A 226 11.31 -0.01 -27.94
N ASN A 227 11.81 0.92 -28.77
CA ASN A 227 11.67 0.80 -30.21
C ASN A 227 12.63 -0.22 -30.79
N VAL A 228 12.37 -1.49 -30.49
CA VAL A 228 13.20 -2.58 -30.98
C VAL A 228 12.31 -3.67 -31.58
N GLU A 229 12.94 -4.71 -32.13
CA GLU A 229 12.20 -5.79 -32.75
C GLU A 229 11.96 -6.94 -31.79
N LEU A 230 10.82 -7.61 -31.97
CA LEU A 230 10.45 -8.75 -31.13
C LEU A 230 11.15 -10.00 -31.65
N GLU A 231 11.97 -10.62 -30.79
CA GLU A 231 12.70 -11.82 -31.16
C GLU A 231 11.84 -13.05 -31.02
N GLU A 232 12.03 -14.01 -31.92
CA GLU A 232 11.27 -15.27 -31.87
C GLU A 232 11.97 -16.22 -30.92
N LYS A 233 11.20 -17.07 -30.24
CA LYS A 233 11.75 -18.01 -29.28
C LYS A 233 11.74 -19.44 -29.82
N THR A 234 12.69 -20.25 -29.35
CA THR A 234 12.76 -21.64 -29.78
C THR A 234 12.07 -22.50 -28.73
N SER A 235 11.41 -23.55 -29.20
CA SER A 235 10.73 -24.46 -28.30
C SER A 235 11.70 -24.99 -27.25
N HIS A 236 11.40 -24.73 -25.98
CA HIS A 236 12.23 -25.21 -24.89
C HIS A 236 11.51 -25.03 -23.58
N GLU A 237 12.01 -25.69 -22.54
CA GLU A 237 11.42 -25.59 -21.22
C GLU A 237 12.43 -24.97 -20.26
N ILE A 238 11.96 -24.02 -19.47
CA ILE A 238 12.81 -23.32 -18.51
C ILE A 238 12.90 -24.07 -17.19
N HIS A 239 14.11 -24.26 -16.71
CA HIS A 239 14.34 -24.97 -15.46
C HIS A 239 14.94 -24.07 -14.38
N VAL A 240 14.35 -24.09 -13.19
CA VAL A 240 14.81 -23.28 -12.07
C VAL A 240 14.77 -24.07 -10.77
N GLU A 241 15.62 -23.67 -9.83
CA GLU A 241 15.68 -24.28 -8.52
C GLU A 241 15.95 -23.17 -7.53
N GLN A 242 15.39 -23.27 -6.34
CA GLN A 242 15.60 -22.20 -5.38
C GLN A 242 16.83 -22.44 -4.52
N LYS A 243 17.68 -21.42 -4.46
CA LYS A 243 18.90 -21.47 -3.69
C LYS A 243 19.07 -20.17 -2.92
N LEU A 244 18.95 -20.25 -1.61
CA LEU A 244 19.09 -19.08 -0.75
C LEU A 244 20.55 -18.75 -0.54
N PRO A 245 20.86 -17.44 -0.40
CA PRO A 245 22.23 -16.98 -0.18
C PRO A 245 22.78 -17.54 1.12
N GLN A 246 24.04 -17.93 1.10
CA GLN A 246 24.68 -18.45 2.30
C GLN A 246 25.00 -17.31 3.25
N LYS A 247 24.52 -17.39 4.48
CA LYS A 247 24.79 -16.35 5.47
C LYS A 247 26.25 -16.45 5.95
N LEU A 248 26.98 -15.36 5.79
CA LEU A 248 28.38 -15.31 6.21
C LEU A 248 28.46 -14.86 7.67
N SER A 249 29.25 -15.58 8.47
CA SER A 249 29.39 -15.23 9.87
C SER A 249 30.72 -14.53 10.13
N ALA A 250 30.64 -13.37 10.79
CA ALA A 250 31.84 -12.61 11.11
C ALA A 250 32.53 -13.21 12.34
N LYS A 251 33.86 -13.21 12.32
CA LYS A 251 34.64 -13.77 13.41
C LYS A 251 34.38 -13.06 14.74
N ALA A 252 34.99 -13.58 15.82
CA ALA A 252 34.82 -13.01 17.15
C ALA A 252 35.72 -11.79 17.33
N LYS A 253 35.31 -10.88 18.20
CA LYS A 253 36.07 -9.67 18.44
C LYS A 253 35.84 -9.14 19.86
N GLU A 254 36.91 -8.79 20.55
CA GLU A 254 36.80 -8.26 21.92
C GLU A 254 36.85 -6.74 21.90
N LEU A 255 35.75 -6.12 21.48
CA LEU A 255 35.68 -4.67 21.42
C LEU A 255 34.94 -4.12 22.62
N PRO A 256 35.25 -2.89 23.02
CA PRO A 256 34.60 -2.24 24.16
C PRO A 256 33.22 -1.77 23.73
N ILE A 257 32.29 -1.76 24.67
CA ILE A 257 30.90 -1.38 24.42
C ILE A 257 30.55 -0.01 24.96
N VAL A 258 30.03 0.85 24.10
CA VAL A 258 29.64 2.21 24.52
C VAL A 258 28.15 2.23 24.83
N ASP A 259 27.73 3.18 25.67
CA ASP A 259 26.33 3.30 26.05
C ASP A 259 25.45 4.02 25.02
N LYS A 260 25.93 5.15 24.51
CA LYS A 260 25.14 5.89 23.52
C LYS A 260 25.90 6.03 22.20
N ALA A 261 25.16 6.17 21.11
CA ALA A 261 25.75 6.32 19.79
C ALA A 261 26.41 7.69 19.66
N PRO A 262 27.69 7.71 19.25
CA PRO A 262 28.40 8.99 19.10
C PRO A 262 27.97 9.76 17.85
N TYR A 263 27.61 9.04 16.79
CA TYR A 263 27.18 9.67 15.55
C TYR A 263 25.68 9.96 15.58
N ARG A 264 25.31 11.16 15.15
CA ARG A 264 23.91 11.53 15.13
C ARG A 264 23.57 12.20 13.80
N PHE A 265 22.30 12.49 13.58
CA PHE A 265 21.86 13.15 12.36
C PHE A 265 20.66 14.00 12.75
N THR A 266 20.22 14.90 11.88
CA THR A 266 19.08 15.73 12.22
C THR A 266 18.00 15.67 11.14
N HIS A 267 18.40 15.70 9.87
CA HIS A 267 17.44 15.66 8.78
C HIS A 267 17.38 14.32 8.09
N GLY A 268 16.19 13.95 7.65
CA GLY A 268 15.99 12.70 6.98
C GLY A 268 14.56 12.55 6.54
N TRP A 269 14.34 11.69 5.56
CA TRP A 269 13.01 11.44 5.07
C TRP A 269 12.30 10.56 6.11
N THR A 270 10.99 10.71 6.21
CA THR A 270 10.21 9.90 7.14
C THR A 270 8.84 9.65 6.53
N TYR A 271 8.23 8.57 6.95
CA TYR A 271 6.88 8.21 6.52
C TYR A 271 5.94 8.73 7.61
N SER A 272 4.99 9.53 7.20
CA SER A 272 4.06 10.18 8.13
C SER A 272 3.43 9.19 9.10
N LEU A 273 3.24 7.94 8.68
CA LEU A 273 2.64 6.94 9.56
C LEU A 273 3.65 6.61 10.66
N ASN A 274 4.93 6.58 10.31
CA ASN A 274 5.97 6.30 11.29
C ASN A 274 6.05 7.47 12.27
N ASP A 275 5.87 8.69 11.77
CA ASP A 275 5.92 9.87 12.63
C ASP A 275 4.77 9.86 13.61
N TYR A 276 3.61 9.44 13.14
CA TYR A 276 2.42 9.32 13.97
C TYR A 276 2.76 8.43 15.17
N PHE A 277 3.48 7.35 14.91
CA PHE A 277 3.83 6.43 15.97
C PHE A 277 4.95 6.86 16.91
N LEU A 278 5.81 7.77 16.46
CA LEU A 278 6.90 8.25 17.30
C LEU A 278 6.43 8.86 18.61
N THR A 279 5.39 9.70 18.54
CA THR A 279 4.86 10.37 19.71
C THR A 279 3.93 9.45 20.47
N ARG A 280 3.69 8.27 19.92
CA ARG A 280 2.82 7.33 20.59
C ARG A 280 3.61 6.18 21.22
N GLY A 281 4.91 6.39 21.39
CA GLY A 281 5.75 5.40 22.02
C GLY A 281 6.38 4.34 21.14
N PHE A 282 6.60 4.65 19.86
CA PHE A 282 7.21 3.71 18.93
C PHE A 282 8.42 4.33 18.24
N ALA A 283 9.60 3.73 18.41
CA ALA A 283 10.79 4.26 17.75
C ALA A 283 10.74 3.95 16.26
N SER A 284 11.44 4.75 15.46
CA SER A 284 11.51 4.55 14.01
C SER A 284 12.93 4.22 13.60
N ILE A 285 13.10 3.30 12.65
CA ILE A 285 14.43 2.98 12.15
C ILE A 285 14.32 2.93 10.63
N TYR A 286 15.17 3.69 9.96
CA TYR A 286 15.18 3.69 8.50
C TYR A 286 16.49 3.05 8.06
N VAL A 287 16.40 2.11 7.11
CA VAL A 287 17.57 1.41 6.57
C VAL A 287 17.52 1.49 5.05
N ALA A 288 18.66 1.70 4.42
CA ALA A 288 18.70 1.74 2.96
C ALA A 288 19.25 0.42 2.38
N GLY A 289 19.97 -0.35 3.20
CA GLY A 289 20.48 -1.64 2.74
C GLY A 289 21.79 -1.67 1.96
N VAL A 290 22.18 -2.85 1.47
CA VAL A 290 23.43 -2.98 0.71
C VAL A 290 23.45 -2.10 -0.52
N GLY A 291 24.63 -1.61 -0.87
CA GLY A 291 24.79 -0.77 -2.04
C GLY A 291 24.25 0.64 -1.87
N THR A 292 23.94 1.06 -0.65
CA THR A 292 23.45 2.43 -0.49
C THR A 292 24.45 3.32 0.26
N ARG A 293 24.22 4.61 0.17
CA ARG A 293 25.09 5.62 0.76
C ARG A 293 25.57 5.29 2.18
N SER A 294 26.89 5.30 2.35
CA SER A 294 27.54 5.03 3.64
C SER A 294 27.53 3.58 4.08
N SER A 295 27.04 2.69 3.23
CA SER A 295 27.02 1.27 3.54
C SER A 295 27.89 0.55 2.52
N ASP A 296 28.28 -0.68 2.83
CA ASP A 296 29.09 -1.45 1.90
C ASP A 296 28.19 -2.22 0.91
N GLY A 297 28.85 -2.94 0.02
CA GLY A 297 28.19 -3.84 -0.97
C GLY A 297 27.67 -3.13 -2.22
N PHE A 298 27.10 -3.98 -3.07
CA PHE A 298 26.48 -3.63 -4.37
C PHE A 298 24.97 -3.53 -4.17
N GLN A 299 24.28 -2.90 -5.11
CA GLN A 299 22.83 -2.77 -5.00
C GLN A 299 22.23 -4.00 -5.66
N THR A 300 22.24 -5.12 -4.93
CA THR A 300 21.74 -6.39 -5.45
C THR A 300 20.26 -6.39 -5.86
N SER A 301 19.60 -5.29 -5.54
CA SER A 301 18.19 -5.02 -5.91
C SER A 301 17.26 -6.27 -5.93
N GLY A 302 16.63 -6.54 -4.79
CA GLY A 302 15.54 -7.56 -4.71
C GLY A 302 15.92 -8.95 -4.15
N ASP A 303 17.14 -9.42 -4.40
CA ASP A 303 17.50 -10.79 -3.95
C ASP A 303 17.54 -10.90 -2.43
N TYR A 304 17.77 -12.09 -1.90
CA TYR A 304 17.80 -12.23 -0.45
C TYR A 304 19.02 -11.64 0.24
N GLN A 305 20.05 -11.30 -0.51
CA GLN A 305 21.21 -10.66 0.12
C GLN A 305 20.75 -9.29 0.60
N GLN A 306 19.98 -8.59 -0.22
CA GLN A 306 19.47 -7.28 0.17
C GLN A 306 18.51 -7.49 1.34
N ILE A 307 17.65 -8.51 1.23
CA ILE A 307 16.70 -8.78 2.32
C ILE A 307 17.44 -9.01 3.62
N TYR A 308 18.53 -9.79 3.58
CA TYR A 308 19.29 -10.04 4.81
C TYR A 308 20.00 -8.80 5.31
N SER A 309 20.30 -7.85 4.42
CA SER A 309 20.98 -6.64 4.85
C SER A 309 20.02 -5.82 5.69
N MET A 310 18.71 -6.00 5.44
CA MET A 310 17.67 -5.29 6.17
C MET A 310 17.32 -6.04 7.46
N THR A 311 17.08 -7.35 7.34
CA THR A 311 16.71 -8.15 8.51
C THR A 311 17.80 -8.21 9.57
N ALA A 312 19.03 -7.87 9.20
CA ALA A 312 20.12 -7.88 10.17
C ALA A 312 19.78 -6.88 11.27
N VAL A 313 19.09 -5.83 10.90
CA VAL A 313 18.69 -4.80 11.86
C VAL A 313 17.79 -5.43 12.93
N ILE A 314 16.89 -6.30 12.50
CA ILE A 314 16.00 -6.97 13.44
C ILE A 314 16.80 -7.91 14.32
N ASP A 315 17.83 -8.55 13.76
CA ASP A 315 18.66 -9.43 14.57
C ASP A 315 19.36 -8.61 15.64
N TRP A 316 19.88 -7.45 15.26
CA TRP A 316 20.58 -6.59 16.21
C TRP A 316 19.64 -6.14 17.33
N LEU A 317 18.41 -5.79 16.96
CA LEU A 317 17.43 -5.35 17.96
C LEU A 317 17.12 -6.48 18.94
N ASN A 318 17.35 -7.71 18.52
CA ASN A 318 17.10 -8.87 19.38
C ASN A 318 18.37 -9.49 19.96
N GLY A 319 19.47 -8.74 19.87
CA GLY A 319 20.74 -9.22 20.41
C GLY A 319 21.33 -10.42 19.68
N ARG A 320 21.01 -10.57 18.41
CA ARG A 320 21.54 -11.68 17.62
C ARG A 320 22.52 -11.20 16.55
N ALA A 321 22.79 -9.90 16.53
CA ALA A 321 23.73 -9.33 15.58
C ALA A 321 24.48 -8.19 16.22
N ARG A 322 25.65 -7.91 15.67
CA ARG A 322 26.55 -6.88 16.17
C ARG A 322 26.35 -5.55 15.42
N ALA A 323 26.47 -4.45 16.16
CA ALA A 323 26.37 -3.12 15.57
C ALA A 323 27.58 -2.34 16.08
N TYR A 324 28.11 -1.45 15.26
CA TYR A 324 29.24 -0.65 15.66
C TYR A 324 28.90 0.82 15.65
N THR A 325 29.70 1.62 16.35
CA THR A 325 29.48 3.05 16.43
C THR A 325 29.93 3.72 15.13
N SER A 326 30.82 3.06 14.39
CA SER A 326 31.33 3.61 13.14
C SER A 326 31.81 2.50 12.22
N ARG A 327 32.19 2.87 11.00
CA ARG A 327 32.65 1.88 10.04
C ARG A 327 34.07 1.41 10.37
N LYS A 328 34.70 2.04 11.35
CA LYS A 328 36.04 1.65 11.76
C LYS A 328 35.98 0.42 12.64
N LYS A 329 34.78 0.10 13.12
CA LYS A 329 34.57 -1.07 13.96
C LYS A 329 35.48 -1.10 15.20
N THR A 330 35.57 0.02 15.89
CA THR A 330 36.38 0.12 17.09
C THR A 330 35.54 -0.01 18.36
N HIS A 331 34.25 0.33 18.26
CA HIS A 331 33.32 0.25 19.38
C HIS A 331 32.02 -0.43 18.98
N GLU A 332 31.48 -1.23 19.88
CA GLU A 332 30.24 -1.94 19.66
C GLU A 332 29.13 -1.22 20.43
N ILE A 333 27.90 -1.30 19.91
CA ILE A 333 26.73 -0.69 20.56
C ILE A 333 25.65 -1.74 20.60
N LYS A 334 24.88 -1.75 21.67
CA LYS A 334 23.79 -2.71 21.79
C LYS A 334 22.44 -2.01 21.81
N ALA A 335 21.40 -2.75 21.43
CA ALA A 335 20.04 -2.21 21.40
C ALA A 335 19.39 -2.32 22.78
N SER A 336 20.02 -1.73 23.79
CA SER A 336 19.52 -1.79 25.16
C SER A 336 18.16 -1.11 25.37
N TRP A 337 17.78 -0.22 24.46
CA TRP A 337 16.53 0.52 24.57
C TRP A 337 15.34 -0.15 23.86
N ALA A 338 15.61 -1.22 23.13
CA ALA A 338 14.56 -1.89 22.36
C ALA A 338 14.01 -3.17 22.97
N ASN A 339 12.73 -3.44 22.74
CA ASN A 339 12.11 -4.65 23.26
C ASN A 339 12.24 -5.79 22.26
N GLY A 340 12.75 -5.50 21.07
CA GLY A 340 12.91 -6.54 20.07
C GLY A 340 11.74 -6.77 19.13
N LYS A 341 10.59 -6.16 19.40
CA LYS A 341 9.45 -6.33 18.52
C LYS A 341 9.53 -5.31 17.40
N VAL A 342 9.24 -5.77 16.19
CA VAL A 342 9.32 -4.91 15.02
C VAL A 342 8.15 -5.12 14.05
N ALA A 343 7.89 -4.04 13.37
CA ALA A 343 6.87 -3.94 12.33
C ALA A 343 7.48 -3.12 11.20
N MET A 344 7.22 -3.55 9.99
CA MET A 344 7.78 -2.87 8.81
C MET A 344 6.67 -2.13 8.06
N THR A 345 7.01 -0.94 7.58
CA THR A 345 6.06 -0.07 6.89
C THR A 345 6.65 0.57 5.65
N GLY A 346 5.78 1.17 4.84
CA GLY A 346 6.23 1.82 3.63
C GLY A 346 5.59 1.26 2.39
N LYS A 347 5.63 2.02 1.30
CA LYS A 347 5.05 1.54 0.05
C LYS A 347 6.08 1.35 -1.04
N SER A 348 5.66 0.64 -2.07
CA SER A 348 6.49 0.36 -3.23
C SER A 348 7.71 -0.49 -2.85
N TYR A 349 8.90 0.04 -3.13
CA TYR A 349 10.13 -0.68 -2.84
C TYR A 349 10.18 -0.99 -1.35
N LEU A 350 9.64 -0.10 -0.53
CA LEU A 350 9.65 -0.31 0.92
C LEU A 350 8.71 -1.45 1.28
N GLY A 351 7.54 -1.48 0.64
CA GLY A 351 6.59 -2.55 0.91
C GLY A 351 7.15 -3.88 0.42
N THR A 352 7.97 -3.79 -0.63
CA THR A 352 8.60 -4.95 -1.23
C THR A 352 9.57 -5.58 -0.21
N MET A 353 10.32 -4.73 0.48
CA MET A 353 11.25 -5.21 1.48
C MET A 353 10.48 -5.87 2.63
N ALA A 354 9.29 -5.36 2.93
CA ALA A 354 8.48 -5.95 3.99
C ALA A 354 8.03 -7.36 3.60
N TYR A 355 7.57 -7.55 2.36
CA TYR A 355 7.16 -8.88 1.92
C TYR A 355 8.36 -9.81 2.02
N GLY A 356 9.47 -9.39 1.43
CA GLY A 356 10.68 -10.20 1.44
C GLY A 356 11.13 -10.56 2.84
N ALA A 357 11.28 -9.56 3.69
CA ALA A 357 11.69 -9.80 5.08
C ALA A 357 10.75 -10.78 5.78
N ALA A 358 9.46 -10.68 5.48
CA ALA A 358 8.50 -11.59 6.11
C ALA A 358 8.78 -13.05 5.71
N THR A 359 9.21 -13.27 4.47
CA THR A 359 9.47 -14.63 4.01
C THR A 359 10.73 -15.26 4.61
N THR A 360 11.43 -14.56 5.50
CA THR A 360 12.62 -15.12 6.12
C THR A 360 12.28 -15.73 7.47
N GLY A 361 11.12 -15.37 7.99
CA GLY A 361 10.69 -15.89 9.29
C GLY A 361 11.51 -15.35 10.45
N VAL A 362 12.22 -14.26 10.25
CA VAL A 362 13.05 -13.68 11.31
C VAL A 362 12.25 -13.39 12.57
N GLU A 363 12.75 -13.85 13.71
CA GLU A 363 12.07 -13.65 14.98
C GLU A 363 12.15 -12.20 15.41
N GLY A 364 11.02 -11.67 15.87
CA GLY A 364 10.97 -10.28 16.29
C GLY A 364 10.08 -9.47 15.35
N LEU A 365 10.12 -9.84 14.08
CA LEU A 365 9.28 -9.23 13.04
C LEU A 365 7.86 -9.75 13.22
N GLU A 366 7.11 -9.00 14.00
CA GLU A 366 5.75 -9.37 14.41
C GLU A 366 4.71 -9.15 13.34
N LEU A 367 4.93 -8.17 12.48
CA LEU A 367 3.96 -7.89 11.43
C LEU A 367 4.50 -6.94 10.38
N ILE A 368 3.88 -6.99 9.21
CA ILE A 368 4.28 -6.10 8.12
C ILE A 368 3.04 -5.40 7.56
N LEU A 369 3.26 -4.15 7.22
CA LEU A 369 2.24 -3.29 6.61
C LEU A 369 2.77 -2.89 5.24
N ALA A 370 2.65 -3.85 4.34
CA ALA A 370 3.17 -3.72 2.98
C ALA A 370 2.19 -2.99 2.06
N GLU A 371 2.59 -1.82 1.60
CA GLU A 371 1.75 -1.02 0.74
C GLU A 371 2.33 -0.97 -0.67
N ALA A 372 1.49 -1.28 -1.65
CA ALA A 372 1.89 -1.28 -3.06
C ALA A 372 3.24 -1.95 -3.22
N GLY A 373 3.40 -3.12 -2.60
CA GLY A 373 4.66 -3.84 -2.66
C GLY A 373 4.75 -4.90 -3.74
N ILE A 374 5.97 -5.36 -4.00
CA ILE A 374 6.24 -6.38 -4.99
C ILE A 374 6.52 -7.72 -4.31
N SER A 375 5.78 -8.76 -4.70
CA SER A 375 5.97 -10.09 -4.13
C SER A 375 6.87 -10.93 -5.03
N SER A 376 7.00 -10.52 -6.29
CA SER A 376 7.88 -11.20 -7.22
C SER A 376 8.30 -10.20 -8.28
N TRP A 377 9.57 -9.88 -8.28
CA TRP A 377 10.10 -8.90 -9.22
C TRP A 377 9.82 -9.17 -10.68
N TYR A 378 9.76 -10.43 -11.06
CA TYR A 378 9.49 -10.76 -12.46
C TYR A 378 8.23 -10.06 -12.98
N ASN A 379 7.16 -10.11 -12.19
CA ASN A 379 5.89 -9.50 -12.61
C ASN A 379 5.92 -7.98 -12.66
N TYR A 380 6.91 -7.38 -12.00
CA TYR A 380 7.00 -5.94 -12.01
C TYR A 380 7.57 -5.44 -13.34
N TYR A 381 8.46 -6.22 -13.95
CA TYR A 381 9.08 -5.81 -15.21
C TYR A 381 8.76 -6.74 -16.39
N ARG A 382 7.94 -7.76 -16.14
CA ARG A 382 7.59 -8.72 -17.17
C ARG A 382 6.16 -9.20 -16.97
N GLU A 383 5.65 -9.91 -17.98
CA GLU A 383 4.30 -10.48 -17.92
C GLU A 383 4.17 -11.56 -19.00
N ASN A 384 3.99 -12.80 -18.53
CA ASN A 384 3.83 -13.97 -19.40
C ASN A 384 4.83 -14.07 -20.56
N GLY A 385 6.11 -14.18 -20.20
CA GLY A 385 7.16 -14.30 -21.20
C GLY A 385 7.34 -13.05 -22.04
N LEU A 386 6.88 -11.91 -21.52
CA LEU A 386 7.00 -10.66 -22.26
C LEU A 386 7.54 -9.53 -21.39
N VAL A 387 8.30 -8.67 -22.05
CA VAL A 387 8.84 -7.46 -21.43
C VAL A 387 7.69 -6.47 -21.31
N ARG A 388 7.34 -6.18 -20.08
CA ARG A 388 6.25 -5.28 -19.80
C ARG A 388 6.64 -4.22 -18.78
N SER A 389 6.90 -3.02 -19.27
CA SER A 389 7.33 -1.90 -18.44
C SER A 389 6.29 -1.50 -17.40
N PRO A 390 6.76 -1.08 -16.21
CA PRO A 390 5.81 -0.67 -15.18
C PRO A 390 4.95 0.46 -15.74
N GLY A 391 3.68 0.49 -15.36
CA GLY A 391 2.80 1.53 -15.84
C GLY A 391 3.41 2.92 -15.68
N GLY A 392 3.37 3.70 -16.76
CA GLY A 392 3.90 5.06 -16.72
C GLY A 392 5.41 5.16 -16.90
N PHE A 393 6.11 4.04 -16.92
CA PHE A 393 7.56 4.09 -17.06
C PHE A 393 8.16 3.17 -18.12
N PRO A 394 7.97 3.51 -19.40
CA PRO A 394 8.52 2.67 -20.48
C PRO A 394 10.04 2.68 -20.47
N GLY A 395 10.64 1.54 -20.80
CA GLY A 395 12.09 1.43 -20.84
C GLY A 395 12.74 1.10 -19.51
N GLU A 396 11.95 0.97 -18.44
CA GLU A 396 12.54 0.66 -17.15
C GLU A 396 12.68 -0.85 -16.90
N ASP A 397 13.71 -1.22 -16.15
CA ASP A 397 13.95 -2.62 -15.81
C ASP A 397 14.77 -2.61 -14.52
N LEU A 398 15.08 -3.78 -13.98
CA LEU A 398 15.83 -3.86 -12.73
C LEU A 398 17.19 -3.15 -12.73
N ASP A 399 17.87 -3.12 -13.87
CA ASP A 399 19.17 -2.46 -13.92
C ASP A 399 19.03 -0.94 -13.87
N VAL A 400 17.93 -0.42 -14.39
CA VAL A 400 17.69 1.03 -14.35
C VAL A 400 17.44 1.42 -12.89
N LEU A 401 16.71 0.57 -12.18
CA LEU A 401 16.41 0.83 -10.77
C LEU A 401 17.69 0.71 -9.93
N ALA A 402 18.54 -0.24 -10.30
CA ALA A 402 19.80 -0.45 -9.59
C ALA A 402 20.65 0.81 -9.69
N ALA A 403 20.68 1.40 -10.88
CA ALA A 403 21.45 2.61 -11.08
C ALA A 403 20.85 3.76 -10.26
N LEU A 404 19.52 3.78 -10.15
CA LEU A 404 18.85 4.83 -9.39
C LEU A 404 19.14 4.74 -7.89
N THR A 405 19.14 3.52 -7.37
CA THR A 405 19.34 3.30 -5.95
C THR A 405 20.73 2.88 -5.49
N TYR A 406 21.69 2.89 -6.37
CA TYR A 406 23.07 2.65 -5.94
C TYR A 406 23.61 3.99 -5.48
N SER A 407 23.14 4.40 -4.32
CA SER A 407 23.44 5.73 -3.78
C SER A 407 24.84 5.89 -3.22
N ARG A 408 25.62 4.80 -3.21
CA ARG A 408 27.01 4.90 -2.76
C ARG A 408 27.72 5.88 -3.70
N ASN A 409 27.35 5.86 -4.98
CA ASN A 409 27.96 6.75 -5.95
C ASN A 409 27.59 8.22 -5.77
N LEU A 410 26.68 8.54 -4.85
CA LEU A 410 26.33 9.94 -4.64
C LEU A 410 27.45 10.64 -3.85
N ASP A 411 28.32 9.85 -3.24
CA ASP A 411 29.45 10.42 -2.51
C ASP A 411 30.67 10.31 -3.42
N GLY A 412 31.30 11.45 -3.69
CA GLY A 412 32.47 11.46 -4.56
C GLY A 412 33.56 10.51 -4.09
N ALA A 413 33.84 10.53 -2.78
CA ALA A 413 34.86 9.67 -2.21
C ALA A 413 34.57 8.20 -2.45
N ASP A 414 33.29 7.83 -2.42
CA ASP A 414 32.87 6.45 -2.62
C ASP A 414 32.96 6.10 -4.11
N PHE A 415 32.51 7.03 -4.95
CA PHE A 415 32.58 6.85 -6.40
C PHE A 415 34.00 6.45 -6.80
N LEU A 416 34.98 7.20 -6.29
CA LEU A 416 36.38 6.93 -6.58
C LEU A 416 36.80 5.50 -6.27
N LYS A 417 36.39 5.00 -5.11
CA LYS A 417 36.76 3.64 -4.68
C LYS A 417 35.89 2.47 -5.21
N GLY A 418 34.64 2.69 -5.59
CA GLY A 418 33.81 1.51 -5.96
C GLY A 418 33.00 1.65 -7.27
N ASN A 419 33.29 2.64 -8.09
CA ASN A 419 32.52 2.81 -9.33
C ASN A 419 32.85 1.71 -10.35
N ALA A 420 34.12 1.36 -10.44
CA ALA A 420 34.54 0.32 -11.38
C ALA A 420 33.83 -1.00 -11.11
N GLU A 421 33.84 -1.42 -9.84
CA GLU A 421 33.21 -2.66 -9.44
C GLU A 421 31.70 -2.57 -9.68
N TYR A 422 31.15 -1.38 -9.50
CA TYR A 422 29.72 -1.14 -9.70
C TYR A 422 29.28 -1.34 -11.16
N GLU A 423 29.99 -0.71 -12.09
CA GLU A 423 29.64 -0.85 -13.50
C GLU A 423 29.80 -2.29 -13.96
N LYS A 424 30.83 -2.95 -13.45
CA LYS A 424 31.09 -4.35 -13.78
C LYS A 424 29.90 -5.20 -13.37
N ARG A 425 29.41 -5.00 -12.15
CA ARG A 425 28.27 -5.77 -11.67
C ARG A 425 26.94 -5.35 -12.28
N LEU A 426 26.82 -4.11 -12.72
CA LEU A 426 25.58 -3.64 -13.32
C LEU A 426 25.46 -4.25 -14.73
N ALA A 427 26.60 -4.37 -15.42
CA ALA A 427 26.62 -4.95 -16.76
C ALA A 427 26.20 -6.41 -16.65
N GLU A 428 26.70 -7.08 -15.63
CA GLU A 428 26.38 -8.48 -15.40
C GLU A 428 24.88 -8.62 -15.13
N MET A 429 24.31 -7.68 -14.39
CA MET A 429 22.88 -7.73 -14.09
C MET A 429 22.09 -7.52 -15.38
N THR A 430 22.47 -6.52 -16.16
CA THR A 430 21.79 -6.21 -17.41
C THR A 430 21.72 -7.42 -18.35
N ALA A 431 22.81 -8.19 -18.41
CA ALA A 431 22.81 -9.37 -19.27
C ALA A 431 21.91 -10.45 -18.68
N ALA A 432 21.89 -10.56 -17.36
CA ALA A 432 21.06 -11.55 -16.70
C ALA A 432 19.57 -11.29 -16.89
N LEU A 433 19.21 -10.02 -17.12
CA LEU A 433 17.81 -9.65 -17.29
C LEU A 433 17.16 -10.31 -18.50
N ASP A 434 17.97 -10.51 -19.54
CA ASP A 434 17.51 -11.14 -20.77
C ASP A 434 16.24 -10.49 -21.32
N ARG A 435 16.37 -9.23 -21.74
CA ARG A 435 15.24 -8.50 -22.29
C ARG A 435 14.92 -9.02 -23.68
N LYS A 436 15.82 -9.85 -24.22
CA LYS A 436 15.64 -10.44 -25.54
C LYS A 436 14.46 -11.39 -25.59
N SER A 437 14.41 -12.32 -24.64
CA SER A 437 13.30 -13.28 -24.58
C SER A 437 12.18 -12.76 -23.69
N GLY A 438 12.54 -12.19 -22.54
CA GLY A 438 11.54 -11.67 -21.62
C GLY A 438 10.99 -12.80 -20.77
N ASP A 439 11.66 -13.95 -20.84
CA ASP A 439 11.22 -15.13 -20.08
C ASP A 439 11.72 -15.14 -18.65
N TYR A 440 11.09 -15.99 -17.86
CA TYR A 440 11.43 -16.17 -16.46
C TYR A 440 12.74 -16.95 -16.47
N ASN A 441 13.60 -16.73 -15.47
CA ASN A 441 14.86 -17.45 -15.39
C ASN A 441 15.34 -17.50 -13.94
N GLN A 442 16.54 -18.04 -13.72
CA GLN A 442 17.08 -18.18 -12.37
C GLN A 442 17.28 -16.84 -11.65
N PHE A 443 17.73 -15.84 -12.39
CA PHE A 443 17.96 -14.51 -11.85
C PHE A 443 16.66 -13.97 -11.25
N TRP A 444 15.56 -14.15 -11.97
CA TRP A 444 14.26 -13.70 -11.51
C TRP A 444 13.77 -14.57 -10.35
N HIS A 445 14.07 -15.87 -10.42
CA HIS A 445 13.65 -16.81 -9.39
C HIS A 445 14.26 -16.48 -8.03
N ASP A 446 15.44 -15.87 -8.04
CA ASP A 446 16.11 -15.51 -6.80
C ASP A 446 15.49 -14.24 -6.22
N ARG A 447 14.54 -13.66 -6.95
CA ARG A 447 13.86 -12.45 -6.52
C ARG A 447 12.36 -12.69 -6.47
N ASN A 448 11.98 -13.92 -6.17
CA ASN A 448 10.58 -14.33 -6.06
C ASN A 448 10.35 -14.79 -4.64
N TYR A 449 9.68 -13.94 -3.84
CA TYR A 449 9.43 -14.25 -2.44
C TYR A 449 8.25 -15.18 -2.25
N LEU A 450 7.42 -15.30 -3.28
CA LEU A 450 6.23 -16.16 -3.22
C LEU A 450 6.58 -17.61 -2.89
N ILE A 451 7.77 -18.07 -3.27
CA ILE A 451 8.17 -19.44 -3.01
C ILE A 451 8.61 -19.67 -1.57
N ASN A 452 8.63 -18.61 -0.77
CA ASN A 452 9.04 -18.73 0.62
C ASN A 452 7.97 -18.27 1.62
N THR A 453 6.72 -18.15 1.15
CA THR A 453 5.64 -17.72 2.03
C THR A 453 5.31 -18.73 3.13
N ASP A 454 5.84 -19.95 3.01
CA ASP A 454 5.59 -20.97 4.01
C ASP A 454 6.40 -20.67 5.27
N LYS A 455 7.34 -19.73 5.14
CA LYS A 455 8.18 -19.36 6.27
C LYS A 455 7.69 -18.08 6.97
N VAL A 456 6.57 -17.54 6.49
CA VAL A 456 5.99 -16.32 7.05
C VAL A 456 5.30 -16.58 8.39
N LYS A 457 5.75 -15.92 9.44
CA LYS A 457 5.17 -16.07 10.77
C LYS A 457 4.49 -14.78 11.23
N ALA A 458 4.91 -13.65 10.66
CA ALA A 458 4.35 -12.35 11.01
C ALA A 458 2.94 -12.13 10.44
N ASP A 459 2.11 -11.39 11.17
CA ASP A 459 0.76 -11.07 10.68
C ASP A 459 1.02 -10.27 9.40
N VAL A 460 0.14 -10.41 8.41
CA VAL A 460 0.32 -9.69 7.16
C VAL A 460 -0.81 -8.71 6.85
N LEU A 461 -0.49 -7.43 6.80
CA LEU A 461 -1.47 -6.42 6.45
C LEU A 461 -1.01 -5.89 5.09
N ILE A 462 -1.89 -5.96 4.12
CA ILE A 462 -1.61 -5.52 2.77
C ILE A 462 -2.44 -4.31 2.39
N VAL A 463 -1.83 -3.35 1.70
CA VAL A 463 -2.53 -2.17 1.23
C VAL A 463 -2.17 -2.09 -0.24
N HIS A 464 -3.16 -1.85 -1.09
CA HIS A 464 -2.90 -1.77 -2.52
C HIS A 464 -3.99 -1.02 -3.26
N GLY A 465 -3.57 -0.17 -4.20
CA GLY A 465 -4.54 0.59 -4.98
C GLY A 465 -4.99 -0.23 -6.18
N LEU A 466 -6.30 -0.27 -6.40
CA LEU A 466 -6.84 -1.06 -7.52
C LEU A 466 -6.71 -0.35 -8.86
N GLN A 467 -6.13 0.85 -8.84
CA GLN A 467 -5.88 1.60 -10.07
C GLN A 467 -4.38 1.84 -10.16
N ASP A 468 -3.61 1.02 -9.45
CA ASP A 468 -2.16 1.13 -9.48
C ASP A 468 -1.62 0.21 -10.56
N TRP A 469 -1.25 0.79 -11.70
CA TRP A 469 -0.73 0.02 -12.83
C TRP A 469 0.81 0.06 -12.89
N ASN A 470 1.39 0.68 -11.87
CA ASN A 470 2.85 0.74 -11.72
C ASN A 470 3.28 -0.59 -11.11
N VAL A 471 2.77 -0.78 -9.90
CA VAL A 471 2.92 -2.01 -9.13
C VAL A 471 1.54 -2.69 -9.12
N THR A 472 1.38 -3.54 -10.12
CA THR A 472 0.11 -4.25 -10.42
C THR A 472 -0.48 -5.03 -9.24
N PRO A 473 -1.82 -5.14 -9.21
CA PRO A 473 -2.55 -5.83 -8.15
C PRO A 473 -2.16 -7.29 -7.94
N GLU A 474 -1.70 -7.96 -9.01
CA GLU A 474 -1.30 -9.37 -8.93
C GLU A 474 -0.25 -9.56 -7.84
N GLN A 475 0.54 -8.51 -7.59
CA GLN A 475 1.60 -8.54 -6.58
C GLN A 475 1.02 -8.81 -5.20
N ALA A 476 -0.06 -8.11 -4.87
CA ALA A 476 -0.72 -8.28 -3.60
C ALA A 476 -1.56 -9.56 -3.65
N TYR A 477 -2.24 -9.75 -4.77
CA TYR A 477 -3.08 -10.93 -4.95
C TYR A 477 -2.28 -12.23 -4.78
N ASN A 478 -1.15 -12.35 -5.47
CA ASN A 478 -0.35 -13.56 -5.35
C ASN A 478 0.15 -13.84 -3.93
N PHE A 479 0.67 -12.82 -3.24
CA PHE A 479 1.15 -13.03 -1.87
C PHE A 479 -0.02 -13.46 -1.00
N TRP A 480 -1.15 -12.79 -1.18
CA TRP A 480 -2.36 -13.09 -0.43
C TRP A 480 -2.74 -14.58 -0.57
N LYS A 481 -2.78 -15.07 -1.82
CA LYS A 481 -3.11 -16.46 -2.09
C LYS A 481 -2.09 -17.51 -1.64
N ALA A 482 -0.81 -17.15 -1.64
CA ALA A 482 0.25 -18.08 -1.27
C ALA A 482 0.38 -18.24 0.23
N LEU A 483 -0.20 -17.32 0.98
CA LEU A 483 -0.12 -17.40 2.44
C LEU A 483 -0.86 -18.65 2.90
N PRO A 484 -0.22 -19.44 3.77
CA PRO A 484 -0.82 -20.66 4.30
C PRO A 484 -2.22 -20.42 4.87
N GLU A 485 -3.03 -21.47 4.88
CA GLU A 485 -4.40 -21.40 5.38
C GLU A 485 -4.48 -20.99 6.85
N GLY A 486 -5.45 -20.14 7.18
CA GLY A 486 -5.65 -19.71 8.55
C GLY A 486 -4.68 -18.66 9.07
N HIS A 487 -3.74 -18.25 8.23
CA HIS A 487 -2.75 -17.24 8.62
C HIS A 487 -3.40 -15.87 8.81
N ALA A 488 -2.97 -15.13 9.84
CA ALA A 488 -3.54 -13.81 10.09
C ALA A 488 -3.12 -12.85 8.98
N LYS A 489 -4.11 -12.41 8.21
CA LYS A 489 -3.87 -11.50 7.10
C LYS A 489 -5.08 -10.62 6.84
N HIS A 490 -4.82 -9.39 6.40
CA HIS A 490 -5.89 -8.46 6.07
C HIS A 490 -5.40 -7.55 4.97
N ALA A 491 -6.33 -7.12 4.12
CA ALA A 491 -5.98 -6.26 3.02
C ALA A 491 -6.88 -5.04 2.91
N PHE A 492 -6.27 -3.91 2.58
CA PHE A 492 -7.01 -2.68 2.36
C PHE A 492 -6.78 -2.37 0.89
N LEU A 493 -7.85 -2.39 0.10
CA LEU A 493 -7.74 -2.09 -1.32
C LEU A 493 -8.50 -0.82 -1.60
N HIS A 494 -7.79 0.20 -2.05
CA HIS A 494 -8.42 1.48 -2.34
C HIS A 494 -8.49 1.67 -3.84
N ARG A 495 -9.04 2.80 -4.28
CA ARG A 495 -9.17 3.08 -5.71
C ARG A 495 -8.10 4.00 -6.24
N GLY A 496 -7.13 4.36 -5.41
CA GLY A 496 -6.07 5.25 -5.87
C GLY A 496 -5.03 4.49 -6.67
N ALA A 497 -3.98 5.20 -7.05
CA ALA A 497 -2.89 4.59 -7.79
C ALA A 497 -1.77 4.34 -6.79
N HIS A 498 -0.53 4.61 -7.20
CA HIS A 498 0.64 4.38 -6.36
C HIS A 498 0.78 5.42 -5.24
N ILE A 499 -0.23 5.50 -4.38
CA ILE A 499 -0.26 6.48 -3.28
C ILE A 499 -0.55 5.91 -1.89
N TYR A 500 -0.33 6.75 -0.88
CA TYR A 500 -0.59 6.39 0.51
C TYR A 500 -2.06 6.64 0.81
N MET A 501 -2.58 6.10 1.91
CA MET A 501 -3.99 6.32 2.26
C MET A 501 -4.20 6.60 3.76
N ASN A 502 -3.14 6.97 4.45
CA ASN A 502 -3.22 7.22 5.89
C ASN A 502 -3.62 8.65 6.27
N SER A 503 -4.02 9.46 5.29
CA SER A 503 -4.42 10.85 5.55
C SER A 503 -5.76 11.14 4.89
N TRP A 504 -6.61 10.14 4.80
CA TRP A 504 -7.90 10.29 4.16
C TRP A 504 -8.99 10.56 5.22
N GLN A 505 -10.04 11.20 4.74
CA GLN A 505 -11.17 11.62 5.59
C GLN A 505 -12.25 10.54 5.70
N SER A 506 -12.29 9.67 4.72
CA SER A 506 -13.34 8.63 4.62
C SER A 506 -13.05 7.36 5.46
N ILE A 507 -11.80 7.16 5.86
CA ILE A 507 -11.45 5.96 6.64
C ILE A 507 -10.43 6.26 7.74
N ASP A 508 -10.65 5.61 8.88
CA ASP A 508 -9.79 5.76 10.07
C ASP A 508 -8.64 4.76 10.03
N PHE A 509 -7.86 4.84 8.95
CA PHE A 509 -6.73 3.95 8.74
C PHE A 509 -5.68 4.01 9.84
N SER A 510 -5.14 5.20 10.12
CA SER A 510 -4.10 5.35 11.14
C SER A 510 -4.53 4.84 12.52
N GLU A 511 -5.78 5.12 12.87
CA GLU A 511 -6.32 4.70 14.15
C GLU A 511 -6.49 3.20 14.20
N THR A 512 -6.82 2.60 13.06
CA THR A 512 -7.00 1.15 13.00
C THR A 512 -5.63 0.50 13.14
N ILE A 513 -4.65 1.03 12.42
CA ILE A 513 -3.28 0.50 12.50
C ILE A 513 -2.73 0.69 13.91
N ASN A 514 -3.10 1.80 14.55
CA ASN A 514 -2.66 2.11 15.90
C ASN A 514 -3.00 0.91 16.78
N ALA A 515 -4.29 0.56 16.81
CA ALA A 515 -4.75 -0.55 17.63
C ALA A 515 -4.01 -1.85 17.31
N TYR A 516 -3.81 -2.12 16.03
CA TYR A 516 -3.13 -3.34 15.60
C TYR A 516 -1.66 -3.38 16.04
N PHE A 517 -1.01 -2.23 15.97
CA PHE A 517 0.43 -2.10 16.28
C PHE A 517 0.72 -2.29 17.78
N VAL A 518 -0.12 -1.70 18.62
CA VAL A 518 0.08 -1.76 20.09
C VAL A 518 -0.06 -3.20 20.61
N ALA A 519 -1.04 -3.89 20.05
CA ALA A 519 -1.34 -5.27 20.44
C ALA A 519 -0.19 -6.22 20.09
N LYS A 520 0.34 -6.02 18.90
CA LYS A 520 1.40 -6.88 18.34
C LYS A 520 2.79 -6.48 18.82
N LEU A 521 3.05 -5.18 18.98
CA LEU A 521 4.38 -4.74 19.38
C LEU A 521 4.54 -4.52 20.88
N LEU A 522 3.43 -4.43 21.61
CA LEU A 522 3.50 -4.23 23.05
C LEU A 522 2.97 -5.43 23.84
N ASP A 523 2.78 -6.55 23.14
CA ASP A 523 2.31 -7.78 23.77
C ASP A 523 0.98 -7.64 24.51
N ARG A 524 -0.02 -7.10 23.84
CA ARG A 524 -1.35 -6.93 24.44
C ARG A 524 -2.35 -7.70 23.60
N ASP A 525 -3.56 -7.85 24.12
CA ASP A 525 -4.58 -8.58 23.37
C ASP A 525 -5.09 -7.75 22.21
N LEU A 526 -5.35 -8.42 21.09
CA LEU A 526 -5.86 -7.76 19.90
C LEU A 526 -7.38 -7.96 19.92
N ASN A 527 -8.10 -6.97 20.40
CA ASN A 527 -9.56 -7.02 20.51
C ASN A 527 -10.20 -6.51 19.24
N LEU A 528 -9.39 -5.92 18.39
CA LEU A 528 -9.86 -5.38 17.14
C LEU A 528 -10.18 -6.57 16.23
N ASN A 529 -11.38 -6.59 15.67
CA ASN A 529 -11.77 -7.67 14.79
C ASN A 529 -11.96 -7.13 13.39
N LEU A 530 -10.94 -7.29 12.55
CA LEU A 530 -10.99 -6.81 11.18
C LEU A 530 -11.39 -7.91 10.20
N PRO A 531 -12.18 -7.55 9.19
CA PRO A 531 -12.62 -8.53 8.19
C PRO A 531 -11.44 -8.83 7.27
N PRO A 532 -11.51 -9.92 6.50
CA PRO A 532 -10.42 -10.28 5.58
C PRO A 532 -9.97 -9.13 4.69
N VAL A 533 -10.92 -8.46 4.05
CA VAL A 533 -10.58 -7.35 3.19
C VAL A 533 -11.55 -6.17 3.33
N ILE A 534 -10.91 -5.01 3.49
CA ILE A 534 -11.56 -3.70 3.57
C ILE A 534 -11.40 -3.04 2.20
N LEU A 535 -12.52 -2.92 1.52
CA LEU A 535 -12.55 -2.41 0.16
C LEU A 535 -13.32 -1.09 0.02
N GLN A 536 -12.70 -0.21 -0.74
CA GLN A 536 -13.29 1.09 -1.11
C GLN A 536 -14.04 0.86 -2.42
N GLU A 537 -15.33 1.10 -2.35
CA GLU A 537 -16.22 0.83 -3.47
C GLU A 537 -16.03 1.80 -4.63
N ASN A 538 -16.05 1.28 -5.85
CA ASN A 538 -15.90 2.13 -7.01
C ASN A 538 -17.21 2.89 -7.27
N SER A 539 -17.15 3.92 -8.09
CA SER A 539 -18.33 4.71 -8.44
C SER A 539 -19.16 5.18 -7.24
N LYS A 540 -18.52 5.28 -6.07
CA LYS A 540 -19.19 5.71 -4.85
C LYS A 540 -18.35 6.77 -4.14
N ASP A 541 -19.00 7.71 -3.49
CA ASP A 541 -18.26 8.77 -2.80
C ASP A 541 -18.04 8.42 -1.32
N GLN A 542 -16.78 8.22 -0.95
CA GLN A 542 -16.38 7.89 0.41
C GLN A 542 -17.10 6.68 1.02
N VAL A 543 -17.28 5.64 0.22
CA VAL A 543 -17.95 4.44 0.72
C VAL A 543 -16.97 3.27 0.77
N TRP A 544 -16.86 2.66 1.95
CA TRP A 544 -16.00 1.51 2.17
C TRP A 544 -16.87 0.37 2.65
N THR A 545 -16.50 -0.86 2.30
CA THR A 545 -17.25 -2.03 2.71
C THR A 545 -16.24 -3.14 3.05
N MET A 546 -16.74 -4.31 3.42
CA MET A 546 -15.87 -5.43 3.76
C MET A 546 -16.19 -6.67 2.93
N MET A 547 -15.15 -7.43 2.58
CA MET A 547 -15.31 -8.64 1.80
C MET A 547 -14.66 -9.82 2.51
N ASN A 548 -15.10 -11.03 2.17
CA ASN A 548 -14.58 -12.23 2.80
C ASN A 548 -13.26 -12.71 2.19
N ASP A 549 -13.01 -12.36 0.92
CA ASP A 549 -11.78 -12.79 0.29
C ASP A 549 -11.46 -11.99 -0.97
N PHE A 550 -10.23 -12.16 -1.43
CA PHE A 550 -9.76 -11.51 -2.64
C PHE A 550 -9.61 -12.65 -3.64
N GLY A 551 -10.55 -12.74 -4.58
CA GLY A 551 -10.53 -13.80 -5.57
C GLY A 551 -11.64 -14.78 -5.28
N ALA A 552 -12.74 -14.70 -6.03
CA ALA A 552 -13.89 -15.57 -5.84
C ALA A 552 -13.80 -16.89 -6.61
N ASN A 553 -14.56 -17.89 -6.15
CA ASN A 553 -14.58 -19.20 -6.80
C ASN A 553 -15.62 -19.28 -7.91
N THR A 554 -16.71 -18.53 -7.75
CA THR A 554 -17.77 -18.53 -8.75
C THR A 554 -17.37 -17.71 -9.97
N GLN A 555 -17.89 -18.09 -11.13
CA GLN A 555 -17.57 -17.37 -12.34
C GLN A 555 -18.62 -17.54 -13.43
N ILE A 556 -18.85 -16.48 -14.19
CA ILE A 556 -19.80 -16.50 -15.29
C ILE A 556 -18.97 -16.36 -16.55
N LYS A 557 -19.52 -16.80 -17.67
CA LYS A 557 -18.81 -16.71 -18.94
C LYS A 557 -19.57 -15.88 -19.97
N LEU A 558 -18.89 -14.91 -20.56
CA LEU A 558 -19.52 -14.08 -21.58
C LEU A 558 -18.83 -14.27 -22.91
N PRO A 559 -19.60 -14.64 -23.95
CA PRO A 559 -19.03 -14.85 -25.28
C PRO A 559 -18.73 -13.51 -25.94
N LEU A 560 -17.68 -13.46 -26.74
CA LEU A 560 -17.31 -12.23 -27.41
C LEU A 560 -18.05 -12.14 -28.74
N GLY A 561 -18.51 -13.29 -29.22
CA GLY A 561 -19.23 -13.33 -30.48
C GLY A 561 -20.69 -12.93 -30.34
N LYS A 562 -21.14 -12.05 -31.23
CA LYS A 562 -22.53 -11.57 -31.21
C LYS A 562 -23.39 -12.45 -32.13
N THR A 563 -22.73 -13.27 -32.95
CA THR A 563 -23.39 -14.17 -33.89
C THR A 563 -22.54 -15.44 -34.05
N ALA A 564 -23.06 -16.40 -34.82
CA ALA A 564 -22.34 -17.65 -35.04
C ALA A 564 -21.23 -17.50 -36.08
N VAL A 565 -21.29 -16.42 -36.86
CA VAL A 565 -20.31 -16.14 -37.89
C VAL A 565 -19.69 -14.77 -37.62
N SER A 566 -18.88 -14.69 -36.58
CA SER A 566 -18.26 -13.42 -36.20
C SER A 566 -16.74 -13.51 -36.16
N PHE A 567 -16.08 -12.81 -37.08
CA PHE A 567 -14.63 -12.78 -37.14
C PHE A 567 -14.18 -11.34 -37.00
N ALA A 568 -12.98 -11.15 -36.47
CA ALA A 568 -12.44 -9.81 -36.29
C ALA A 568 -10.94 -9.88 -36.51
N GLN A 569 -10.39 -8.82 -37.10
CA GLN A 569 -8.96 -8.77 -37.34
C GLN A 569 -8.46 -7.33 -37.26
N PHE A 570 -7.15 -7.20 -37.13
CA PHE A 570 -6.50 -5.89 -37.05
C PHE A 570 -5.03 -6.08 -37.38
N ASP A 571 -4.37 -5.01 -37.80
CA ASP A 571 -2.96 -5.11 -38.16
C ASP A 571 -2.07 -4.78 -36.97
N ASN A 572 -0.79 -5.09 -37.10
CA ASN A 572 0.18 -4.81 -36.07
C ASN A 572 0.92 -3.56 -36.48
N ASN A 573 1.07 -3.41 -37.79
CA ASN A 573 1.80 -2.29 -38.38
C ASN A 573 0.91 -1.07 -38.63
N TYR A 574 1.46 0.07 -38.26
CA TYR A 574 0.85 1.40 -38.44
C TYR A 574 1.66 2.15 -39.50
N ASP A 575 1.11 3.26 -39.96
CA ASP A 575 1.86 4.11 -40.90
C ASP A 575 3.03 4.68 -40.09
N ASP A 576 4.11 4.96 -40.78
CA ASP A 576 5.35 5.43 -40.13
C ASP A 576 5.15 6.76 -39.37
N GLU A 577 4.20 7.55 -39.82
CA GLU A 577 3.92 8.85 -39.16
C GLU A 577 3.19 8.62 -37.84
N THR A 578 2.19 7.74 -37.85
CA THR A 578 1.42 7.42 -36.67
C THR A 578 2.24 6.61 -35.68
N PHE A 579 3.10 5.73 -36.21
CA PHE A 579 3.93 4.89 -35.36
C PHE A 579 4.92 5.71 -34.53
N LYS A 580 5.42 6.78 -35.12
CA LYS A 580 6.39 7.62 -34.42
C LYS A 580 5.77 8.64 -33.48
N LYS A 581 4.50 8.96 -33.68
CA LYS A 581 3.85 9.90 -32.78
C LYS A 581 3.33 9.12 -31.57
N TYR A 582 3.13 7.81 -31.74
CA TYR A 582 2.66 6.97 -30.65
C TYR A 582 3.85 6.63 -29.75
N SER A 583 5.02 6.47 -30.37
CA SER A 583 6.25 6.14 -29.65
C SER A 583 6.81 7.33 -28.87
N LYS A 584 6.49 8.52 -29.33
CA LYS A 584 6.95 9.74 -28.66
C LYS A 584 6.06 10.08 -27.48
N ASP A 585 4.79 9.70 -27.56
CA ASP A 585 3.84 9.99 -26.49
C ASP A 585 2.78 8.90 -26.38
N PHE A 586 3.02 7.91 -25.53
CA PHE A 586 2.09 6.80 -25.37
C PHE A 586 0.69 7.23 -24.91
N ASN A 587 0.57 8.45 -24.41
CA ASN A 587 -0.74 8.92 -23.94
C ASN A 587 -1.71 9.19 -25.10
N VAL A 588 -1.18 9.61 -26.24
CA VAL A 588 -2.03 9.87 -27.40
C VAL A 588 -2.48 8.52 -27.95
N PHE A 589 -1.61 7.51 -27.83
CA PHE A 589 -1.96 6.18 -28.29
C PHE A 589 -3.09 5.61 -27.44
N LYS A 590 -2.96 5.74 -26.12
CA LYS A 590 -3.98 5.24 -25.20
C LYS A 590 -5.33 5.87 -25.48
N LYS A 591 -5.31 7.17 -25.75
CA LYS A 591 -6.52 7.92 -26.06
C LYS A 591 -7.20 7.32 -27.28
N ASP A 592 -6.43 7.12 -28.35
CA ASP A 592 -6.98 6.54 -29.57
C ASP A 592 -7.42 5.10 -29.33
N LEU A 593 -6.57 4.35 -28.63
CA LEU A 593 -6.86 2.96 -28.32
C LEU A 593 -8.22 2.82 -27.65
N PHE A 594 -8.43 3.59 -26.59
CA PHE A 594 -9.68 3.55 -25.84
C PHE A 594 -10.85 4.00 -26.69
N GLU A 595 -10.61 4.92 -27.61
CA GLU A 595 -11.68 5.42 -28.46
C GLU A 595 -11.77 4.73 -29.82
N ASN A 596 -11.17 3.55 -29.90
CA ASN A 596 -11.18 2.74 -31.11
C ASN A 596 -10.79 3.55 -32.35
N LYS A 597 -9.55 4.05 -32.34
CA LYS A 597 -9.04 4.84 -33.45
C LYS A 597 -7.63 4.35 -33.80
N ALA A 598 -7.29 3.16 -33.33
CA ALA A 598 -5.99 2.54 -33.60
C ALA A 598 -6.19 1.11 -34.08
N ASN A 599 -5.09 0.41 -34.36
CA ASN A 599 -5.20 -0.97 -34.81
C ASN A 599 -5.62 -1.85 -33.65
N GLU A 600 -6.89 -2.23 -33.63
CA GLU A 600 -7.40 -3.02 -32.52
C GLU A 600 -8.73 -3.69 -32.85
N ALA A 601 -9.13 -4.62 -31.99
CA ALA A 601 -10.40 -5.31 -32.11
C ALA A 601 -11.17 -4.93 -30.85
N VAL A 602 -12.30 -4.25 -31.02
CA VAL A 602 -13.12 -3.82 -29.91
C VAL A 602 -14.43 -4.61 -29.82
N ILE A 603 -14.76 -5.02 -28.61
CA ILE A 603 -15.98 -5.78 -28.35
C ILE A 603 -16.75 -5.08 -27.21
N ASP A 604 -17.86 -4.42 -27.55
CA ASP A 604 -18.67 -3.76 -26.53
C ASP A 604 -19.69 -4.73 -25.97
N LEU A 605 -19.48 -5.16 -24.74
CA LEU A 605 -20.37 -6.12 -24.09
C LEU A 605 -21.40 -5.50 -23.17
N GLU A 606 -22.67 -5.76 -23.45
CA GLU A 606 -23.75 -5.25 -22.62
C GLU A 606 -23.84 -6.27 -21.47
N LEU A 607 -23.83 -5.77 -20.24
CA LEU A 607 -23.91 -6.66 -19.07
C LEU A 607 -25.35 -7.12 -18.80
N PRO A 608 -25.53 -8.42 -18.55
CA PRO A 608 -26.85 -8.97 -18.28
C PRO A 608 -27.38 -8.35 -16.98
N SER A 609 -26.88 -8.87 -15.87
CA SER A 609 -27.25 -8.41 -14.54
C SER A 609 -26.08 -7.70 -13.86
N MET A 610 -26.37 -7.00 -12.77
CA MET A 610 -25.32 -6.31 -12.03
C MET A 610 -24.39 -7.40 -11.52
N LEU A 611 -23.12 -7.07 -11.34
CA LEU A 611 -22.18 -8.07 -10.84
C LEU A 611 -20.93 -7.45 -10.26
N THR A 612 -20.28 -8.20 -9.38
CA THR A 612 -19.07 -7.71 -8.74
C THR A 612 -17.89 -8.60 -9.08
N ILE A 613 -17.01 -8.10 -9.94
CA ILE A 613 -15.83 -8.85 -10.32
C ILE A 613 -14.94 -8.99 -9.09
N ASN A 614 -14.45 -10.20 -8.83
CA ASN A 614 -13.58 -10.40 -7.68
C ASN A 614 -12.51 -11.42 -8.02
N GLY A 615 -11.42 -10.93 -8.60
CA GLY A 615 -10.33 -11.81 -8.97
C GLY A 615 -9.84 -11.51 -10.38
N PRO A 616 -8.97 -12.37 -10.93
CA PRO A 616 -8.46 -12.14 -12.28
C PRO A 616 -9.41 -12.61 -13.38
N VAL A 617 -9.60 -11.76 -14.38
CA VAL A 617 -10.45 -12.09 -15.51
C VAL A 617 -9.64 -12.97 -16.46
N GLU A 618 -10.29 -13.95 -17.07
CA GLU A 618 -9.59 -14.83 -18.02
C GLU A 618 -10.08 -14.57 -19.44
N LEU A 619 -9.16 -14.64 -20.38
CA LEU A 619 -9.51 -14.45 -21.78
C LEU A 619 -9.20 -15.71 -22.57
N GLU A 620 -10.24 -16.43 -22.99
CA GLU A 620 -10.07 -17.63 -23.80
C GLU A 620 -10.29 -17.16 -25.24
N LEU A 621 -9.23 -17.14 -26.03
CA LEU A 621 -9.33 -16.68 -27.41
C LEU A 621 -8.87 -17.68 -28.46
N ARG A 622 -9.55 -17.69 -29.59
CA ARG A 622 -9.19 -18.55 -30.70
C ARG A 622 -8.77 -17.59 -31.79
N LEU A 623 -7.47 -17.58 -32.09
CA LEU A 623 -6.96 -16.67 -33.11
C LEU A 623 -5.91 -17.31 -33.99
N LYS A 624 -5.43 -16.53 -34.94
CA LYS A 624 -4.41 -16.95 -35.88
C LYS A 624 -3.75 -15.69 -36.41
N LEU A 625 -2.51 -15.80 -36.85
CA LEU A 625 -1.77 -14.68 -37.41
C LEU A 625 -0.79 -15.21 -38.43
N ASN A 626 -0.43 -14.39 -39.39
CA ASN A 626 0.50 -14.77 -40.44
C ASN A 626 1.94 -14.54 -40.02
N ASP A 627 2.35 -15.20 -38.95
CA ASP A 627 3.72 -15.06 -38.47
C ASP A 627 4.04 -16.15 -37.47
N THR A 628 5.33 -16.33 -37.17
CA THR A 628 5.76 -17.35 -36.23
C THR A 628 6.15 -16.79 -34.87
N LYS A 629 5.79 -15.54 -34.64
CA LYS A 629 6.07 -14.88 -33.37
C LYS A 629 5.08 -13.73 -33.16
N GLY A 630 4.82 -13.39 -31.91
CA GLY A 630 3.89 -12.30 -31.64
C GLY A 630 3.33 -12.40 -30.24
N PHE A 631 2.73 -11.32 -29.78
CA PHE A 631 2.13 -11.31 -28.46
C PHE A 631 0.76 -10.67 -28.57
N LEU A 632 -0.04 -10.79 -27.52
CA LEU A 632 -1.37 -10.20 -27.52
C LEU A 632 -1.55 -9.31 -26.30
N SER A 633 -2.27 -8.21 -26.49
CA SER A 633 -2.53 -7.26 -25.42
C SER A 633 -4.05 -7.15 -25.25
N ALA A 634 -4.50 -6.88 -24.03
CA ALA A 634 -5.93 -6.73 -23.78
C ALA A 634 -6.22 -5.79 -22.62
N GLN A 635 -7.17 -4.89 -22.84
CA GLN A 635 -7.57 -3.93 -21.82
C GLN A 635 -9.08 -3.92 -21.74
N ILE A 636 -9.61 -3.84 -20.52
CA ILE A 636 -11.04 -3.83 -20.31
C ILE A 636 -11.42 -2.60 -19.51
N LEU A 637 -12.21 -1.74 -20.12
CA LEU A 637 -12.64 -0.50 -19.45
C LEU A 637 -14.15 -0.42 -19.29
N ASP A 638 -14.49 0.20 -18.18
CA ASP A 638 -15.88 0.53 -17.84
C ASP A 638 -16.25 1.70 -18.72
N PHE A 639 -16.91 1.38 -19.81
CA PHE A 639 -17.23 2.36 -20.84
C PHE A 639 -18.56 3.07 -20.65
N GLY A 640 -18.56 4.37 -20.88
CA GLY A 640 -19.77 5.16 -20.73
C GLY A 640 -19.62 6.28 -19.72
N GLN A 641 -20.27 7.41 -19.99
CA GLN A 641 -20.25 8.57 -19.11
C GLN A 641 -20.84 8.24 -17.74
N LYS A 642 -20.06 8.43 -16.69
CA LYS A 642 -20.54 8.13 -15.34
C LYS A 642 -19.57 8.68 -14.31
N LYS A 643 -20.07 8.97 -13.11
CA LYS A 643 -19.21 9.48 -12.06
C LYS A 643 -18.33 8.33 -11.55
N ARG A 644 -17.03 8.57 -11.51
CA ARG A 644 -16.08 7.56 -11.05
C ARG A 644 -14.98 8.23 -10.24
N LEU A 645 -14.36 7.46 -9.35
CA LEU A 645 -13.28 7.97 -8.53
C LEU A 645 -12.01 8.07 -9.34
N GLU A 646 -11.33 9.21 -9.22
CA GLU A 646 -10.06 9.38 -9.92
C GLU A 646 -9.01 8.61 -9.13
N ASP A 647 -7.83 8.43 -9.72
CA ASP A 647 -6.78 7.67 -9.07
C ASP A 647 -5.78 8.59 -8.37
N LYS A 648 -6.12 9.87 -8.35
CA LYS A 648 -5.26 10.89 -7.74
C LYS A 648 -6.09 11.65 -6.71
N VAL A 649 -5.49 11.89 -5.54
CA VAL A 649 -6.17 12.57 -4.46
C VAL A 649 -6.34 14.07 -4.64
N ARG A 650 -7.29 14.64 -3.90
CA ARG A 650 -7.56 16.07 -3.92
C ARG A 650 -7.55 16.54 -2.47
N VAL A 651 -7.06 17.74 -2.22
CA VAL A 651 -6.99 18.25 -0.84
C VAL A 651 -8.32 18.71 -0.25
N LYS A 652 -8.60 18.28 0.98
CA LYS A 652 -9.81 18.68 1.69
C LYS A 652 -9.48 19.85 2.60
N ASP A 653 -8.42 19.69 3.41
CA ASP A 653 -7.97 20.73 4.33
C ASP A 653 -6.45 20.68 4.46
N PHE A 654 -5.84 21.85 4.61
CA PHE A 654 -4.39 21.91 4.75
C PHE A 654 -3.92 21.90 6.19
N LYS A 655 -2.90 21.07 6.44
CA LYS A 655 -2.27 20.95 7.75
C LYS A 655 -3.19 20.79 8.96
N VAL A 656 -4.23 19.96 8.84
CA VAL A 656 -5.15 19.73 9.95
C VAL A 656 -4.80 18.44 10.71
N LEU A 657 -3.94 17.62 10.13
CA LEU A 657 -3.52 16.38 10.78
C LEU A 657 -2.23 16.62 11.57
N ASP A 658 -2.31 16.50 12.90
CA ASP A 658 -1.15 16.70 13.78
C ASP A 658 -0.68 15.33 14.23
N ARG A 659 0.55 14.97 13.89
CA ARG A 659 1.07 13.66 14.28
C ARG A 659 1.58 13.64 15.72
N GLY A 660 1.34 14.73 16.42
CA GLY A 660 1.76 14.88 17.83
C GLY A 660 1.17 16.17 18.39
N ARG A 661 2.07 17.04 18.77
CA ARG A 661 1.76 18.36 19.31
C ARG A 661 2.47 19.39 18.45
N ASN A 662 1.80 19.75 17.37
CA ASN A 662 2.38 20.65 16.39
C ASN A 662 3.62 19.94 15.83
N PHE A 663 3.42 18.66 15.52
CA PHE A 663 4.47 17.78 14.99
C PHE A 663 4.05 17.24 13.61
N MET A 664 4.89 17.52 12.61
CA MET A 664 4.63 17.05 11.24
C MET A 664 3.19 17.23 10.75
N LEU A 665 2.71 18.46 10.74
CA LEU A 665 1.35 18.73 10.28
C LEU A 665 1.16 18.18 8.87
N ASP A 666 0.01 17.56 8.62
CA ASP A 666 -0.25 16.96 7.32
C ASP A 666 -1.63 17.38 6.78
N ASP A 667 -1.81 17.26 5.47
CA ASP A 667 -3.07 17.63 4.84
C ASP A 667 -4.05 16.47 4.79
N LEU A 668 -5.34 16.81 4.86
CA LEU A 668 -6.39 15.82 4.79
C LEU A 668 -6.75 15.77 3.31
N VAL A 669 -6.71 14.57 2.73
CA VAL A 669 -7.01 14.43 1.30
C VAL A 669 -8.04 13.33 1.04
N GLU A 670 -8.49 13.23 -0.21
CA GLU A 670 -9.48 12.23 -0.59
C GLU A 670 -9.62 12.14 -2.10
N LEU A 671 -9.87 10.92 -2.59
CA LEU A 671 -10.06 10.69 -4.02
C LEU A 671 -11.40 11.32 -4.37
N PRO A 672 -11.43 12.16 -5.42
CA PRO A 672 -12.65 12.83 -5.87
C PRO A 672 -13.50 11.99 -6.82
N LEU A 673 -14.81 12.15 -6.73
CA LEU A 673 -15.73 11.43 -7.60
C LEU A 673 -16.08 12.40 -8.73
N VAL A 674 -15.60 12.09 -9.93
CA VAL A 674 -15.84 12.97 -11.08
C VAL A 674 -16.36 12.18 -12.27
N GLU A 675 -17.08 12.86 -13.15
CA GLU A 675 -17.63 12.22 -14.33
C GLU A 675 -16.53 11.94 -15.36
N SER A 676 -16.50 10.72 -15.87
CA SER A 676 -15.50 10.33 -16.85
C SER A 676 -16.17 9.53 -17.97
N PRO A 677 -15.60 9.58 -19.18
CA PRO A 677 -16.16 8.85 -20.32
C PRO A 677 -15.92 7.34 -20.23
N TYR A 678 -14.99 6.96 -19.35
CA TYR A 678 -14.65 5.56 -19.13
C TYR A 678 -13.52 5.44 -18.10
N GLN A 679 -13.18 4.21 -17.74
CA GLN A 679 -12.10 3.96 -16.81
C GLN A 679 -11.60 2.53 -16.95
N LEU A 680 -10.28 2.38 -16.92
CA LEU A 680 -9.65 1.09 -17.03
C LEU A 680 -9.94 0.19 -15.83
N VAL A 681 -10.46 -1.01 -16.08
CA VAL A 681 -10.77 -1.94 -15.02
C VAL A 681 -9.59 -2.88 -14.80
N THR A 682 -9.06 -3.43 -15.89
CA THR A 682 -7.94 -4.33 -15.81
C THR A 682 -7.34 -4.53 -17.20
N LYS A 683 -6.11 -5.02 -17.23
CA LYS A 683 -5.39 -5.27 -18.48
C LYS A 683 -4.43 -6.41 -18.27
N GLY A 684 -3.93 -6.96 -19.37
CA GLY A 684 -3.01 -8.06 -19.29
C GLY A 684 -2.33 -8.27 -20.63
N PHE A 685 -1.21 -8.99 -20.62
CA PHE A 685 -0.46 -9.26 -21.84
C PHE A 685 0.08 -10.68 -21.77
N THR A 686 0.42 -11.23 -22.94
CA THR A 686 0.99 -12.57 -23.00
C THR A 686 1.70 -12.80 -24.32
N ASN A 687 2.79 -13.56 -24.27
CA ASN A 687 3.52 -13.89 -25.48
C ASN A 687 2.84 -15.13 -26.02
N LEU A 688 2.40 -15.07 -27.27
CA LEU A 688 1.71 -16.20 -27.87
C LEU A 688 2.52 -17.50 -27.83
N GLN A 689 3.82 -17.40 -27.60
CA GLN A 689 4.67 -18.57 -27.53
C GLN A 689 4.81 -19.11 -26.10
N ASN A 690 4.17 -18.44 -25.15
CA ASN A 690 4.24 -18.87 -23.76
C ASN A 690 2.93 -19.44 -23.22
N GLN A 691 2.75 -20.75 -23.38
CA GLN A 691 1.54 -21.40 -22.86
C GLN A 691 1.55 -21.20 -21.34
N SER A 692 2.76 -21.10 -20.80
CA SER A 692 2.99 -20.89 -19.37
C SER A 692 4.36 -20.22 -19.28
N LEU A 693 4.71 -19.71 -18.11
CA LEU A 693 6.00 -19.04 -17.95
C LEU A 693 7.18 -19.98 -18.16
N LEU A 694 7.04 -21.24 -17.77
CA LEU A 694 8.11 -22.21 -17.90
C LEU A 694 8.22 -22.99 -19.21
N THR A 695 7.22 -22.91 -20.07
CA THR A 695 7.28 -23.63 -21.34
C THR A 695 7.04 -22.77 -22.56
N VAL A 696 8.05 -22.69 -23.43
CA VAL A 696 7.96 -21.91 -24.65
C VAL A 696 7.74 -22.89 -25.81
N SER A 697 6.79 -22.58 -26.67
CA SER A 697 6.50 -23.48 -27.79
C SER A 697 6.52 -22.76 -29.14
N ASP A 698 6.65 -23.56 -30.19
CA ASP A 698 6.69 -23.02 -31.54
C ASP A 698 5.29 -22.55 -31.90
N LEU A 699 5.22 -21.56 -32.77
CA LEU A 699 3.95 -20.99 -33.19
C LEU A 699 3.76 -21.23 -34.68
N LYS A 700 2.59 -21.75 -35.06
CA LYS A 700 2.30 -22.04 -36.45
C LYS A 700 1.51 -20.92 -37.12
N ALA A 701 2.03 -20.41 -38.23
CA ALA A 701 1.37 -19.32 -38.95
C ALA A 701 0.13 -19.78 -39.71
N ASP A 702 -0.79 -18.83 -39.94
CA ASP A 702 -2.02 -19.08 -40.67
C ASP A 702 -2.84 -20.23 -40.11
N GLU A 703 -2.52 -20.65 -38.89
CA GLU A 703 -3.24 -21.75 -38.26
C GLU A 703 -3.97 -21.33 -36.98
N TRP A 704 -5.20 -21.81 -36.83
CA TRP A 704 -6.01 -21.49 -35.65
C TRP A 704 -5.49 -22.18 -34.40
N PHE A 705 -5.48 -21.45 -33.29
CA PHE A 705 -5.05 -22.00 -32.02
C PHE A 705 -5.80 -21.21 -30.94
N THR A 706 -5.83 -21.75 -29.73
CA THR A 706 -6.54 -21.10 -28.64
C THR A 706 -5.60 -20.83 -27.47
N ILE A 707 -5.70 -19.64 -26.89
CA ILE A 707 -4.88 -19.27 -25.75
C ILE A 707 -5.77 -18.88 -24.57
N LYS A 708 -5.26 -19.13 -23.37
CA LYS A 708 -5.99 -18.81 -22.15
C LYS A 708 -5.07 -18.04 -21.21
N PHE A 709 -5.34 -16.77 -20.98
CA PHE A 709 -4.50 -16.01 -20.06
C PHE A 709 -5.33 -15.09 -19.18
N GLU A 710 -4.83 -14.83 -17.98
CA GLU A 710 -5.54 -13.97 -17.03
C GLU A 710 -5.05 -12.53 -17.08
N LEU A 711 -5.94 -11.62 -16.70
CA LEU A 711 -5.59 -10.21 -16.66
C LEU A 711 -5.29 -9.90 -15.20
N GLN A 712 -5.00 -8.64 -14.89
CA GLN A 712 -4.71 -8.26 -13.51
C GLN A 712 -5.94 -8.46 -12.64
N PRO A 713 -5.75 -9.05 -11.44
CA PRO A 713 -6.89 -9.28 -10.54
C PRO A 713 -7.42 -7.95 -9.99
N THR A 714 -8.69 -7.93 -9.63
CA THR A 714 -9.29 -6.73 -9.09
C THR A 714 -10.67 -7.01 -8.53
N ILE A 715 -11.29 -5.98 -7.96
CA ILE A 715 -12.63 -6.08 -7.44
C ILE A 715 -13.32 -4.82 -7.95
N TYR A 716 -14.32 -5.02 -8.81
CA TYR A 716 -15.03 -3.91 -9.42
C TYR A 716 -16.51 -4.30 -9.52
N HIS A 717 -17.37 -3.38 -9.11
CA HIS A 717 -18.80 -3.65 -9.17
C HIS A 717 -19.43 -2.92 -10.35
N LEU A 718 -20.29 -3.65 -11.06
CA LEU A 718 -20.97 -3.10 -12.24
C LEU A 718 -22.47 -3.25 -12.13
N GLU A 719 -23.20 -2.29 -12.70
CA GLU A 719 -24.66 -2.29 -12.70
C GLU A 719 -25.11 -2.98 -13.99
N LYS A 720 -26.32 -3.53 -13.99
CA LYS A 720 -26.84 -4.23 -15.16
C LYS A 720 -26.83 -3.40 -16.45
N ALA A 721 -26.80 -2.08 -16.31
CA ALA A 721 -26.81 -1.21 -17.47
C ALA A 721 -25.43 -0.81 -18.00
N ASP A 722 -24.39 -1.02 -17.19
CA ASP A 722 -23.03 -0.66 -17.60
C ASP A 722 -22.52 -1.51 -18.78
N LYS A 723 -21.52 -0.99 -19.48
CA LYS A 723 -20.93 -1.69 -20.62
C LYS A 723 -19.43 -1.92 -20.43
N LEU A 724 -18.96 -3.11 -20.83
CA LEU A 724 -17.55 -3.44 -20.74
C LEU A 724 -16.94 -3.39 -22.12
N ARG A 725 -15.96 -2.52 -22.30
CA ARG A 725 -15.29 -2.38 -23.58
C ARG A 725 -14.05 -3.27 -23.57
N VAL A 726 -14.09 -4.35 -24.35
CA VAL A 726 -12.95 -5.26 -24.42
C VAL A 726 -12.10 -4.87 -25.64
N ILE A 727 -10.83 -4.53 -25.39
CA ILE A 727 -9.93 -4.14 -26.45
C ILE A 727 -8.81 -5.16 -26.62
N LEU A 728 -8.70 -5.71 -27.83
CA LEU A 728 -7.66 -6.68 -28.14
C LEU A 728 -6.73 -6.03 -29.15
N TYR A 729 -5.43 -6.17 -28.96
CA TYR A 729 -4.47 -5.55 -29.87
C TYR A 729 -3.09 -6.12 -29.63
N SER A 730 -2.08 -5.57 -30.31
CA SER A 730 -0.74 -6.07 -30.09
C SER A 730 0.12 -5.03 -29.38
N THR A 731 0.83 -4.22 -30.16
CA THR A 731 1.71 -3.20 -29.61
C THR A 731 1.09 -2.22 -28.62
N ASP A 732 1.71 -2.09 -27.46
CA ASP A 732 1.26 -1.13 -26.45
C ASP A 732 2.43 -0.17 -26.26
N PHE A 733 2.25 1.07 -26.69
CA PHE A 733 3.32 2.05 -26.60
C PHE A 733 3.55 2.58 -25.19
N GLU A 734 3.27 1.76 -24.20
CA GLU A 734 3.47 2.15 -22.80
C GLU A 734 4.11 1.03 -21.99
N HIS A 735 3.90 -0.19 -22.44
CA HIS A 735 4.37 -1.37 -21.70
C HIS A 735 5.33 -2.27 -22.50
N THR A 736 4.90 -2.67 -23.70
CA THR A 736 5.67 -3.62 -24.52
C THR A 736 6.55 -2.97 -25.59
N VAL A 737 7.41 -3.83 -26.12
CA VAL A 737 8.34 -3.49 -27.20
C VAL A 737 7.53 -2.99 -28.39
N ARG A 738 8.15 -2.15 -29.18
CA ARG A 738 7.46 -1.54 -30.31
C ARG A 738 8.00 -2.04 -31.65
N ASP A 739 7.43 -3.15 -32.12
CA ASP A 739 7.80 -3.77 -33.39
C ASP A 739 6.70 -3.44 -34.40
N ASN A 740 7.08 -2.83 -35.53
CA ASN A 740 6.10 -2.42 -36.54
C ASN A 740 6.03 -3.28 -37.80
N ARG A 741 6.32 -4.58 -37.66
CA ARG A 741 6.30 -5.48 -38.80
C ARG A 741 4.87 -5.67 -39.32
N LYS A 742 4.74 -6.05 -40.59
CA LYS A 742 3.42 -6.26 -41.18
C LYS A 742 2.84 -7.63 -40.87
N VAL A 743 2.04 -7.69 -39.81
CA VAL A 743 1.38 -8.94 -39.40
C VAL A 743 -0.10 -8.65 -39.25
N THR A 744 -0.92 -9.67 -39.42
CA THR A 744 -2.36 -9.51 -39.29
C THR A 744 -2.93 -10.55 -38.33
N TYR A 745 -3.67 -10.07 -37.33
CA TYR A 745 -4.29 -10.96 -36.34
C TYR A 745 -5.73 -11.21 -36.72
N GLU A 746 -6.19 -12.44 -36.52
CA GLU A 746 -7.58 -12.73 -36.79
C GLU A 746 -8.12 -13.49 -35.60
N ILE A 747 -9.27 -13.04 -35.11
CA ILE A 747 -9.87 -13.68 -33.97
C ILE A 747 -11.25 -14.19 -34.27
N ASP A 748 -11.53 -15.42 -33.84
CA ASP A 748 -12.83 -16.01 -34.04
C ASP A 748 -13.60 -15.72 -32.76
N LEU A 749 -14.39 -14.66 -32.79
CA LEU A 749 -15.15 -14.24 -31.62
C LEU A 749 -16.17 -15.23 -31.07
N SER A 750 -16.78 -16.04 -31.93
CA SER A 750 -17.78 -17.01 -31.47
C SER A 750 -17.15 -18.16 -30.70
N GLN A 751 -15.83 -18.31 -30.86
CA GLN A 751 -15.09 -19.35 -30.16
C GLN A 751 -14.28 -18.72 -29.03
N SER A 752 -14.47 -17.42 -28.82
CA SER A 752 -13.78 -16.68 -27.79
C SER A 752 -14.71 -16.32 -26.65
N LYS A 753 -14.25 -16.54 -25.42
CA LYS A 753 -15.03 -16.25 -24.23
C LYS A 753 -14.29 -15.43 -23.18
N LEU A 754 -15.06 -14.71 -22.37
CA LEU A 754 -14.50 -13.90 -21.30
C LEU A 754 -14.95 -14.58 -20.00
N ILE A 755 -14.01 -15.15 -19.25
CA ILE A 755 -14.36 -15.79 -17.98
C ILE A 755 -14.14 -14.80 -16.85
N ILE A 756 -15.21 -14.53 -16.09
CA ILE A 756 -15.13 -13.56 -14.99
C ILE A 756 -15.49 -14.09 -13.61
N PRO A 757 -14.52 -14.07 -12.68
CA PRO A 757 -14.80 -14.55 -11.33
C PRO A 757 -15.67 -13.48 -10.67
N ILE A 758 -16.80 -13.88 -10.09
CA ILE A 758 -17.71 -12.92 -9.47
C ILE A 758 -17.98 -13.22 -8.01
N GLU A 759 -18.22 -12.17 -7.24
CA GLU A 759 -18.52 -12.32 -5.83
C GLU A 759 -19.94 -12.87 -5.79
N SER A 760 -20.11 -14.09 -5.29
CA SER A 760 -21.44 -14.68 -5.24
C SER A 760 -22.33 -13.79 -4.40
N VAL A 761 -21.78 -13.33 -3.28
CA VAL A 761 -22.48 -12.46 -2.33
C VAL A 761 -23.70 -13.14 -1.72
N LYS A 762 -24.31 -14.07 -2.47
CA LYS A 762 -25.49 -14.78 -2.01
C LYS A 762 -26.52 -13.68 -1.72
N ASN A 763 -26.59 -12.73 -2.64
CA ASN A 763 -27.49 -11.57 -2.55
C ASN A 763 -28.91 -11.96 -2.16
#